data_5JSM
#
_entry.id   5JSM
#
_cell.length_a   64.608
_cell.length_b   68.258
_cell.length_c   276.007
_cell.angle_alpha   90.000
_cell.angle_beta   90.000
_cell.angle_gamma   90.000
#
_symmetry.space_group_name_H-M   'P 21 21 21'
#
loop_
_entity.id
_entity.type
_entity.pdbx_description
1 polymer 'Serine/threonine-protein kinase B-raf'
2 non-polymer 'DIMETHYL SULFOXIDE'
3 non-polymer BENZAMIDINE
4 non-polymer ETHANOL
5 non-polymer "N,N'-{ethane-1,2-diylbis[oxyethane-2,1-diyloxy-4,1-phenylene-1H-pyrrolo[2,3-b]pyridine-5,3-diylcarbonyl(2,4-difluoro-3,1-phenylene)]}di(propane-1-sulfonamide)"
6 non-polymer 'CHLORIDE ION'
7 non-polymer GLYCEROL
8 water water
#
_entity_poly.entity_id   1
_entity_poly.type   'polypeptide(L)'
_entity_poly.pdbx_seq_one_letter_code
;GSEFDDWEIPDGQITVGQRIGSGSFGTVYKGKWHGDVAVKMLNVTAPTPQQLQAFKNEVGVLRKTRHVNILLFMGYSTKP
QLAIVTQWCEGSSLYHHLHASETKFEMKKLIDIARQTARGMDYLHAKSIIHRDLKSNNIFLHEDNTVKIGDFGLATEKSR
WSGSHQFEQLSGSILWMAPEVIRMQDSNPYSFQSDVYAFGIVLYELMTGQLPYSNINNRDQIIEMVGRGSLSPDLSKVRS
NCPKRMKRLMAECLKKKRDERPSFPRILAEIEELARELSG
;
_entity_poly.pdbx_strand_id   A,B,C,D
#
# COMPACT_ATOMS: atom_id res chain seq x y z
N SER A 2 0.97 -32.33 -6.68
CA SER A 2 2.20 -33.11 -6.61
C SER A 2 3.11 -32.82 -7.80
N GLU A 3 4.43 -32.96 -7.59
CA GLU A 3 5.46 -32.68 -8.59
C GLU A 3 5.71 -31.17 -8.70
N PHE A 4 6.85 -30.74 -8.14
CA PHE A 4 7.15 -29.33 -7.99
C PHE A 4 7.05 -28.56 -9.29
N ASP A 5 6.36 -27.42 -9.23
CA ASP A 5 6.32 -26.50 -10.36
C ASP A 5 6.60 -25.09 -9.79
N ASP A 6 7.68 -24.48 -10.27
CA ASP A 6 8.19 -23.29 -9.62
C ASP A 6 7.38 -22.03 -9.93
N TRP A 7 6.30 -22.19 -10.69
CA TRP A 7 5.46 -21.10 -11.15
C TRP A 7 4.07 -21.23 -10.50
N GLU A 8 3.87 -22.35 -9.83
CA GLU A 8 2.65 -22.58 -9.08
C GLU A 8 2.67 -21.77 -7.76
N ILE A 9 1.53 -21.19 -7.40
CA ILE A 9 1.42 -20.57 -6.07
C ILE A 9 0.66 -21.52 -5.14
N PRO A 10 1.32 -22.01 -4.10
CA PRO A 10 0.77 -22.97 -3.12
C PRO A 10 -0.48 -22.49 -2.38
N ASP A 11 -1.32 -23.45 -1.99
CA ASP A 11 -2.64 -23.23 -1.40
C ASP A 11 -2.72 -22.21 -0.26
N GLY A 12 -1.60 -21.93 0.40
CA GLY A 12 -1.69 -20.95 1.48
C GLY A 12 -1.34 -19.53 1.15
N GLN A 13 -0.76 -19.26 -0.03
CA GLN A 13 0.01 -18.04 -0.24
C GLN A 13 -0.74 -16.88 -0.89
N ILE A 14 -1.93 -17.11 -1.41
CA ILE A 14 -2.74 -16.02 -1.95
C ILE A 14 -3.95 -15.76 -1.09
N THR A 15 -4.18 -14.49 -0.76
CA THR A 15 -5.40 -14.05 -0.07
C THR A 15 -6.37 -13.50 -1.10
N VAL A 16 -7.52 -14.15 -1.21
CA VAL A 16 -8.57 -13.75 -2.13
C VAL A 16 -9.45 -12.68 -1.46
N GLY A 17 -9.72 -11.60 -2.17
CA GLY A 17 -10.47 -10.49 -1.59
C GLY A 17 -11.76 -10.21 -2.34
N GLN A 18 -11.95 -8.96 -2.72
CA GLN A 18 -13.16 -8.54 -3.42
C GLN A 18 -13.44 -9.30 -4.72
N ARG A 19 -14.63 -9.88 -4.80
CA ARG A 19 -15.12 -10.40 -6.06
C ARG A 19 -15.37 -9.21 -6.98
N ILE A 20 -14.82 -9.28 -8.19
CA ILE A 20 -14.94 -8.21 -9.16
C ILE A 20 -15.97 -8.53 -10.22
N GLY A 21 -15.87 -9.71 -10.84
CA GLY A 21 -16.82 -10.08 -11.88
C GLY A 21 -16.36 -11.18 -12.84
N SER A 22 -17.24 -11.50 -13.78
CA SER A 22 -16.99 -12.56 -14.75
C SER A 22 -16.13 -12.07 -15.90
N GLY A 23 -15.04 -12.81 -16.16
CA GLY A 23 -14.27 -12.66 -17.39
C GLY A 23 -14.34 -13.99 -18.12
N SER A 24 -13.66 -14.10 -19.24
CA SER A 24 -13.78 -15.34 -19.99
C SER A 24 -13.22 -16.51 -19.17
N PHE A 25 -14.05 -17.53 -19.01
CA PHE A 25 -13.61 -18.80 -18.50
C PHE A 25 -13.46 -18.82 -16.98
N GLY A 26 -13.86 -17.73 -16.31
CA GLY A 26 -13.81 -17.68 -14.86
C GLY A 26 -14.20 -16.38 -14.16
N THR A 27 -14.03 -16.34 -12.84
CA THR A 27 -14.40 -15.17 -12.03
C THR A 27 -13.17 -14.42 -11.50
N VAL A 28 -13.20 -13.11 -11.59
CA VAL A 28 -12.04 -12.31 -11.21
C VAL A 28 -12.15 -11.76 -9.80
N TYR A 29 -11.04 -11.89 -9.08
CA TYR A 29 -10.90 -11.42 -7.72
C TYR A 29 -9.72 -10.51 -7.58
N LYS A 30 -9.84 -9.50 -6.72
CA LYS A 30 -8.69 -8.79 -6.21
C LYS A 30 -8.07 -9.69 -5.15
N GLY A 31 -6.75 -9.64 -5.01
CA GLY A 31 -6.16 -10.53 -4.04
C GLY A 31 -4.80 -10.00 -3.71
N LYS A 32 -4.15 -10.69 -2.79
CA LYS A 32 -2.83 -10.31 -2.32
C LYS A 32 -1.83 -11.45 -2.50
N TRP A 33 -0.76 -11.18 -3.21
CA TRP A 33 0.37 -12.10 -3.30
C TRP A 33 1.61 -11.26 -3.28
N HIS A 34 2.15 -11.01 -2.10
CA HIS A 34 3.26 -10.07 -1.97
C HIS A 34 2.85 -8.73 -2.54
N GLY A 35 1.57 -8.39 -2.39
CA GLY A 35 1.05 -7.13 -2.90
C GLY A 35 -0.22 -7.43 -3.64
N ASP A 36 -0.95 -6.39 -4.07
CA ASP A 36 -2.15 -6.56 -4.89
C ASP A 36 -1.91 -7.36 -6.20
N VAL A 37 -2.80 -8.29 -6.50
CA VAL A 37 -2.83 -8.94 -7.79
C VAL A 37 -4.30 -9.07 -8.13
N ALA A 38 -4.58 -9.43 -9.37
CA ALA A 38 -5.87 -9.97 -9.77
C ALA A 38 -5.77 -11.50 -9.87
N VAL A 39 -6.82 -12.21 -9.47
CA VAL A 39 -6.85 -13.67 -9.48
C VAL A 39 -8.08 -14.05 -10.23
N LYS A 40 -7.94 -14.82 -11.29
CA LYS A 40 -9.12 -15.30 -11.99
C LYS A 40 -9.34 -16.78 -11.73
N MET A 41 -10.40 -17.11 -11.02
CA MET A 41 -10.72 -18.51 -10.70
C MET A 41 -11.42 -19.17 -11.87
N LEU A 42 -10.79 -20.22 -12.40
CA LEU A 42 -11.29 -20.89 -13.59
C LEU A 42 -12.51 -21.77 -13.32
N ASN A 43 -13.40 -21.81 -14.32
CA ASN A 43 -14.58 -22.67 -14.26
C ASN A 43 -14.33 -24.18 -14.44
N VAL A 44 -13.18 -24.71 -14.04
CA VAL A 44 -12.96 -26.15 -14.10
C VAL A 44 -13.17 -26.76 -12.70
N THR A 45 -14.08 -27.72 -12.61
CA THR A 45 -14.45 -28.26 -11.30
C THR A 45 -13.43 -29.27 -10.77
N ALA A 46 -13.49 -30.51 -11.24
CA ALA A 46 -12.58 -31.54 -10.75
C ALA A 46 -11.54 -31.89 -11.83
N PRO A 47 -10.46 -31.11 -11.91
CA PRO A 47 -9.53 -31.21 -13.04
C PRO A 47 -8.82 -32.56 -13.06
N THR A 48 -9.00 -33.33 -14.12
CA THR A 48 -8.20 -34.52 -14.36
C THR A 48 -6.72 -34.16 -14.49
N PRO A 49 -5.81 -35.11 -14.18
CA PRO A 49 -4.41 -34.88 -14.55
C PRO A 49 -4.25 -34.57 -16.05
N GLN A 50 -5.23 -34.97 -16.85
CA GLN A 50 -5.21 -34.72 -18.29
C GLN A 50 -5.44 -33.26 -18.65
N GLN A 51 -6.45 -32.64 -18.04
CA GLN A 51 -6.69 -31.22 -18.29
C GLN A 51 -5.69 -30.38 -17.53
N LEU A 52 -5.17 -30.91 -16.42
CA LEU A 52 -4.09 -30.24 -15.70
C LEU A 52 -2.83 -30.08 -16.59
N GLN A 53 -2.47 -31.12 -17.34
CA GLN A 53 -1.35 -31.02 -18.28
C GLN A 53 -1.73 -30.06 -19.41
N ALA A 54 -3.00 -30.07 -19.82
CA ALA A 54 -3.45 -29.14 -20.86
C ALA A 54 -3.34 -27.70 -20.35
N PHE A 55 -3.61 -27.54 -19.05
CA PHE A 55 -3.53 -26.23 -18.44
C PHE A 55 -2.07 -25.79 -18.29
N LYS A 56 -1.24 -26.71 -17.82
CA LYS A 56 0.19 -26.46 -17.71
C LYS A 56 0.79 -26.04 -19.05
N ASN A 57 0.28 -26.60 -20.15
CA ASN A 57 0.69 -26.16 -21.48
C ASN A 57 0.22 -24.75 -21.86
N GLU A 58 -0.98 -24.36 -21.43
CA GLU A 58 -1.43 -22.96 -21.63
C GLU A 58 -0.53 -22.01 -20.86
N VAL A 59 -0.19 -22.43 -19.64
CA VAL A 59 0.67 -21.67 -18.75
C VAL A 59 2.03 -21.41 -19.40
N GLY A 60 2.54 -22.38 -20.16
CA GLY A 60 3.79 -22.21 -20.86
C GLY A 60 3.72 -21.13 -21.92
N VAL A 61 2.62 -21.12 -22.66
CA VAL A 61 2.39 -20.11 -23.67
C VAL A 61 2.21 -18.74 -23.02
N LEU A 62 1.54 -18.71 -21.87
CA LEU A 62 1.27 -17.43 -21.18
C LEU A 62 2.52 -16.76 -20.68
N ARG A 63 3.43 -17.55 -20.14
CA ARG A 63 4.72 -17.03 -19.71
C ARG A 63 5.50 -16.31 -20.79
N LYS A 64 5.34 -16.73 -22.05
CA LYS A 64 6.19 -16.27 -23.15
C LYS A 64 5.61 -15.03 -23.83
N THR A 65 4.34 -14.76 -23.54
CA THR A 65 3.61 -13.69 -24.19
C THR A 65 3.70 -12.43 -23.34
N ARG A 66 4.66 -11.55 -23.64
CA ARG A 66 4.97 -10.41 -22.79
C ARG A 66 5.10 -9.13 -23.58
N HIS A 67 4.40 -8.10 -23.13
CA HIS A 67 4.44 -6.80 -23.76
C HIS A 67 3.87 -5.76 -22.80
N VAL A 68 4.41 -4.55 -22.79
CA VAL A 68 3.99 -3.55 -21.82
C VAL A 68 2.48 -3.35 -21.84
N ASN A 69 1.82 -3.65 -22.95
CA ASN A 69 0.38 -3.45 -23.00
C ASN A 69 -0.49 -4.67 -22.89
N ILE A 70 0.02 -5.76 -22.30
CA ILE A 70 -0.88 -6.84 -21.94
C ILE A 70 -0.53 -7.26 -20.53
N LEU A 71 -1.51 -7.79 -19.83
CA LEU A 71 -1.30 -8.22 -18.45
C LEU A 71 -0.13 -9.21 -18.34
N LEU A 72 0.59 -9.15 -17.22
CA LEU A 72 1.70 -10.07 -16.99
C LEU A 72 1.23 -11.31 -16.23
N PHE A 73 1.56 -12.49 -16.76
CA PHE A 73 1.19 -13.74 -16.10
C PHE A 73 2.18 -13.89 -14.97
N MET A 74 1.70 -13.90 -13.73
CA MET A 74 2.65 -13.99 -12.65
C MET A 74 2.66 -15.34 -11.92
N GLY A 75 1.63 -16.15 -12.11
CA GLY A 75 1.58 -17.42 -11.44
C GLY A 75 0.25 -18.11 -11.59
N TYR A 76 0.20 -19.39 -11.22
CA TYR A 76 -1.07 -20.07 -11.18
C TYR A 76 -1.20 -20.85 -9.88
N SER A 77 -2.44 -21.24 -9.61
CA SER A 77 -2.74 -22.11 -8.47
CA SER A 77 -2.72 -22.12 -8.48
C SER A 77 -3.59 -23.27 -8.95
N THR A 78 -3.59 -24.34 -8.17
CA THR A 78 -4.42 -25.50 -8.47
C THR A 78 -5.28 -25.78 -7.24
N LYS A 79 -4.76 -25.44 -6.07
CA LYS A 79 -5.52 -25.54 -4.82
C LYS A 79 -5.57 -24.17 -4.14
N PRO A 80 -6.76 -23.78 -3.67
CA PRO A 80 -7.94 -24.64 -3.63
C PRO A 80 -8.64 -24.79 -4.98
N GLN A 81 -8.28 -23.96 -5.95
CA GLN A 81 -8.97 -23.98 -7.23
C GLN A 81 -8.04 -23.60 -8.37
N LEU A 82 -8.39 -24.00 -9.59
CA LEU A 82 -7.61 -23.57 -10.75
CA LEU A 82 -7.66 -23.58 -10.78
C LEU A 82 -7.69 -22.04 -10.88
N ALA A 83 -6.52 -21.40 -10.85
CA ALA A 83 -6.50 -19.93 -10.93
C ALA A 83 -5.29 -19.35 -11.66
N ILE A 84 -5.51 -18.24 -12.36
CA ILE A 84 -4.45 -17.46 -13.01
C ILE A 84 -4.24 -16.12 -12.30
N VAL A 85 -3.01 -15.78 -11.98
CA VAL A 85 -2.70 -14.56 -11.26
C VAL A 85 -1.91 -13.60 -12.16
N THR A 86 -2.30 -12.33 -12.16
CA THR A 86 -1.69 -11.28 -12.97
C THR A 86 -1.57 -9.98 -12.18
N GLN A 87 -1.10 -8.89 -12.76
CA GLN A 87 -1.03 -7.71 -11.93
C GLN A 87 -2.43 -7.09 -11.80
N TRP A 88 -2.56 -6.28 -10.75
CA TRP A 88 -3.80 -5.61 -10.47
C TRP A 88 -3.75 -4.26 -11.15
N CYS A 89 -4.81 -3.91 -11.88
CA CYS A 89 -4.90 -2.58 -12.46
C CYS A 89 -5.90 -1.70 -11.66
N GLU A 90 -5.38 -0.79 -10.85
CA GLU A 90 -6.22 0.01 -9.95
C GLU A 90 -7.23 0.85 -10.75
N GLY A 91 -6.89 1.22 -11.98
CA GLY A 91 -7.79 1.97 -12.83
C GLY A 91 -8.97 1.16 -13.37
N SER A 92 -9.04 -0.12 -13.00
CA SER A 92 -10.18 -0.96 -13.37
C SER A 92 -10.23 -1.12 -14.90
N SER A 93 -11.42 -1.38 -15.47
CA SER A 93 -11.50 -1.55 -16.92
C SER A 93 -11.97 -0.29 -17.65
N LEU A 94 -11.71 -0.24 -18.96
CA LEU A 94 -12.22 0.79 -19.83
C LEU A 94 -13.74 0.80 -19.81
N TYR A 95 -14.35 -0.38 -19.82
CA TYR A 95 -15.81 -0.47 -19.78
C TYR A 95 -16.38 0.21 -18.54
N HIS A 96 -15.82 -0.09 -17.37
CA HIS A 96 -16.35 0.44 -16.11
C HIS A 96 -16.34 1.97 -16.14
N HIS A 97 -15.22 2.56 -16.54
CA HIS A 97 -15.12 4.00 -16.71
C HIS A 97 -16.10 4.57 -17.71
N LEU A 98 -16.12 4.02 -18.92
CA LEU A 98 -16.95 4.60 -19.96
C LEU A 98 -18.43 4.48 -19.66
N HIS A 99 -18.87 3.30 -19.23
CA HIS A 99 -20.28 2.98 -19.28
C HIS A 99 -20.91 2.78 -17.92
N ALA A 100 -20.11 2.92 -16.87
CA ALA A 100 -20.63 2.74 -15.51
C ALA A 100 -20.34 3.97 -14.66
N SER A 101 -19.12 4.47 -14.75
CA SER A 101 -18.72 5.68 -14.05
C SER A 101 -18.98 6.91 -14.91
N GLU A 102 -19.12 6.67 -16.20
CA GLU A 102 -19.16 7.74 -17.21
C GLU A 102 -18.08 8.77 -16.93
N THR A 103 -16.89 8.26 -16.63
CA THR A 103 -15.68 9.07 -16.51
C THR A 103 -15.57 9.86 -17.79
N LYS A 104 -15.13 11.11 -17.69
CA LYS A 104 -15.01 11.96 -18.86
C LYS A 104 -13.56 12.12 -19.26
N PHE A 105 -13.11 11.29 -20.18
CA PHE A 105 -11.76 11.43 -20.67
C PHE A 105 -11.65 12.54 -21.70
N GLU A 106 -10.48 13.18 -21.72
CA GLU A 106 -10.13 14.16 -22.72
C GLU A 106 -9.76 13.46 -24.01
N MET A 107 -9.97 14.11 -25.13
CA MET A 107 -9.71 13.47 -26.42
C MET A 107 -8.31 12.88 -26.47
N LYS A 108 -7.35 13.59 -25.89
CA LYS A 108 -5.94 13.20 -25.94
C LYS A 108 -5.71 11.86 -25.24
N LYS A 109 -6.44 11.69 -24.14
CA LYS A 109 -6.31 10.54 -23.28
C LYS A 109 -6.95 9.35 -24.00
N LEU A 110 -8.15 9.58 -24.55
CA LEU A 110 -8.87 8.58 -25.31
C LEU A 110 -8.02 8.00 -26.43
N ILE A 111 -7.29 8.87 -27.11
CA ILE A 111 -6.51 8.48 -28.26
C ILE A 111 -5.27 7.77 -27.80
N ASP A 112 -4.81 8.10 -26.61
CA ASP A 112 -3.67 7.42 -26.01
C ASP A 112 -4.06 5.98 -25.64
N ILE A 113 -5.27 5.82 -25.11
CA ILE A 113 -5.81 4.52 -24.78
C ILE A 113 -5.97 3.68 -26.05
N ALA A 114 -6.49 4.27 -27.11
CA ALA A 114 -6.59 3.62 -28.39
C ALA A 114 -5.22 3.21 -28.91
N ARG A 115 -4.24 4.09 -28.76
CA ARG A 115 -2.88 3.86 -29.21
C ARG A 115 -2.22 2.71 -28.46
N GLN A 116 -2.46 2.65 -27.15
CA GLN A 116 -1.86 1.64 -26.30
C GLN A 116 -2.54 0.29 -26.53
N THR A 117 -3.84 0.33 -26.80
CA THR A 117 -4.53 -0.92 -27.03
C THR A 117 -4.12 -1.54 -28.38
N ALA A 118 -3.92 -0.69 -29.40
CA ALA A 118 -3.44 -1.14 -30.70
C ALA A 118 -2.03 -1.70 -30.64
N ARG A 119 -1.19 -1.13 -29.78
CA ARG A 119 0.16 -1.65 -29.59
C ARG A 119 0.11 -3.05 -28.99
N GLY A 120 -0.77 -3.25 -28.00
CA GLY A 120 -0.95 -4.55 -27.38
C GLY A 120 -1.44 -5.58 -28.39
N MET A 121 -2.43 -5.19 -29.18
CA MET A 121 -3.03 -6.07 -30.17
C MET A 121 -2.08 -6.41 -31.34
N ASP A 122 -1.19 -5.46 -31.64
CA ASP A 122 -0.15 -5.60 -32.64
C ASP A 122 0.88 -6.63 -32.23
N TYR A 123 1.29 -6.55 -30.96
CA TYR A 123 2.19 -7.56 -30.44
C TYR A 123 1.56 -8.96 -30.49
N LEU A 124 0.32 -9.10 -30.00
CA LEU A 124 -0.35 -10.41 -30.04
C LEU A 124 -0.41 -10.95 -31.47
N HIS A 125 -0.78 -10.09 -32.42
CA HIS A 125 -0.98 -10.56 -33.78
C HIS A 125 0.34 -10.92 -34.43
N ALA A 126 1.43 -10.27 -34.01
CA ALA A 126 2.75 -10.61 -34.54
C ALA A 126 3.16 -11.99 -34.04
N LYS A 127 2.68 -12.35 -32.85
CA LYS A 127 2.88 -13.70 -32.32
C LYS A 127 1.83 -14.68 -32.80
N SER A 128 1.07 -14.29 -33.81
CA SER A 128 0.02 -15.14 -34.39
C SER A 128 -1.06 -15.53 -33.39
N ILE A 129 -1.27 -14.69 -32.39
CA ILE A 129 -2.33 -14.93 -31.41
C ILE A 129 -3.61 -14.23 -31.81
N ILE A 130 -4.72 -14.97 -31.81
CA ILE A 130 -6.02 -14.39 -32.01
C ILE A 130 -6.64 -14.19 -30.63
N HIS A 131 -7.03 -12.96 -30.30
CA HIS A 131 -7.58 -12.69 -28.96
C HIS A 131 -8.93 -13.37 -28.78
N ARG A 132 -9.84 -13.13 -29.72
CA ARG A 132 -11.17 -13.73 -29.77
C ARG A 132 -12.23 -13.09 -28.89
N ASP A 133 -11.84 -12.16 -28.01
CA ASP A 133 -12.80 -11.66 -27.02
C ASP A 133 -12.45 -10.23 -26.57
N LEU A 134 -11.93 -9.43 -27.50
CA LEU A 134 -11.50 -8.11 -27.16
C LEU A 134 -12.72 -7.25 -26.97
N LYS A 135 -12.76 -6.50 -25.89
CA LYS A 135 -13.88 -5.61 -25.58
C LYS A 135 -13.44 -4.68 -24.48
N SER A 136 -14.21 -3.63 -24.18
CA SER A 136 -13.78 -2.66 -23.15
C SER A 136 -13.71 -3.32 -21.77
N ASN A 137 -14.47 -4.37 -21.56
CA ASN A 137 -14.40 -5.14 -20.31
C ASN A 137 -13.04 -5.78 -20.02
N ASN A 138 -12.20 -6.00 -21.02
CA ASN A 138 -10.95 -6.63 -20.65
C ASN A 138 -9.84 -5.83 -21.22
N ILE A 139 -10.07 -4.52 -21.27
CA ILE A 139 -9.01 -3.57 -21.46
C ILE A 139 -8.89 -2.86 -20.14
N PHE A 140 -7.73 -2.99 -19.50
CA PHE A 140 -7.56 -2.49 -18.14
C PHE A 140 -6.60 -1.31 -18.10
N LEU A 141 -6.86 -0.39 -17.17
CA LEU A 141 -6.02 0.78 -16.98
C LEU A 141 -5.21 0.61 -15.70
N HIS A 142 -3.89 0.60 -15.81
CA HIS A 142 -3.07 0.37 -14.65
C HIS A 142 -2.97 1.68 -13.86
N GLU A 143 -2.51 1.61 -12.60
CA GLU A 143 -2.37 2.81 -11.78
C GLU A 143 -1.46 3.84 -12.45
N ASP A 144 -0.46 3.36 -13.18
CA ASP A 144 0.53 4.24 -13.80
C ASP A 144 0.08 4.78 -15.15
N ASN A 145 -1.19 4.54 -15.48
CA ASN A 145 -1.77 4.97 -16.75
C ASN A 145 -1.45 4.10 -18.00
N THR A 146 -0.75 2.98 -17.85
CA THR A 146 -0.56 2.11 -19.02
C THR A 146 -1.78 1.23 -19.24
N VAL A 147 -2.12 0.98 -20.50
CA VAL A 147 -3.21 0.08 -20.82
C VAL A 147 -2.71 -1.37 -20.76
N LYS A 148 -3.51 -2.25 -20.15
CA LYS A 148 -3.17 -3.66 -20.05
C LYS A 148 -4.28 -4.50 -20.62
N ILE A 149 -4.05 -5.14 -21.77
CA ILE A 149 -5.08 -6.01 -22.34
C ILE A 149 -5.06 -7.35 -21.59
N GLY A 150 -6.23 -7.94 -21.39
CA GLY A 150 -6.33 -9.26 -20.78
C GLY A 150 -7.37 -10.10 -21.47
N ASP A 151 -7.62 -11.30 -20.93
CA ASP A 151 -8.59 -12.23 -21.47
C ASP A 151 -8.16 -12.85 -22.81
N PHE A 152 -6.88 -12.81 -23.12
CA PHE A 152 -6.37 -13.42 -24.36
C PHE A 152 -5.81 -14.83 -24.11
N GLY A 153 -5.64 -15.21 -22.85
CA GLY A 153 -5.08 -16.50 -22.48
C GLY A 153 -5.98 -17.68 -22.77
N LEU A 154 -5.44 -18.88 -22.63
CA LEU A 154 -6.20 -20.10 -22.91
C LEU A 154 -6.81 -20.05 -24.30
N ALA A 155 -6.00 -19.67 -25.29
CA ALA A 155 -6.45 -19.54 -26.67
C ALA A 155 -6.81 -20.89 -27.29
N THR A 156 -5.99 -21.90 -27.01
CA THR A 156 -6.27 -23.25 -27.50
C THR A 156 -7.54 -23.80 -26.84
N GLU A 157 -7.77 -23.39 -25.59
CA GLU A 157 -8.91 -23.89 -24.81
C GLU A 157 -10.23 -23.32 -25.34
N LYS A 158 -10.13 -22.17 -26.01
CA LYS A 158 -11.31 -21.44 -26.45
C LYS A 158 -12.02 -22.16 -27.59
N SER A 171 -22.77 -14.04 -25.26
CA SER A 171 -23.55 -13.33 -24.25
C SER A 171 -23.54 -11.83 -24.52
N GLY A 172 -23.18 -11.03 -23.51
CA GLY A 172 -23.14 -9.59 -23.66
C GLY A 172 -21.97 -9.16 -24.54
N SER A 173 -21.18 -10.15 -24.93
CA SER A 173 -20.00 -9.91 -25.74
C SER A 173 -20.31 -9.69 -27.21
N ILE A 174 -21.59 -9.83 -27.59
CA ILE A 174 -21.95 -9.80 -29.01
C ILE A 174 -21.74 -8.45 -29.68
N LEU A 175 -21.69 -7.37 -28.89
CA LEU A 175 -21.57 -6.03 -29.43
C LEU A 175 -20.27 -5.84 -30.18
N TRP A 176 -19.27 -6.65 -29.83
CA TRP A 176 -17.92 -6.55 -30.41
C TRP A 176 -17.72 -7.61 -31.50
N MET A 177 -18.74 -8.41 -31.77
CA MET A 177 -18.61 -9.53 -32.72
C MET A 177 -18.78 -9.15 -34.19
N ALA A 178 -17.74 -9.33 -34.99
CA ALA A 178 -17.85 -9.17 -36.45
C ALA A 178 -19.08 -9.88 -36.98
N PRO A 179 -19.61 -9.37 -38.11
CA PRO A 179 -20.79 -10.00 -38.70
C PRO A 179 -20.51 -11.45 -39.07
N GLU A 180 -19.35 -11.76 -39.65
CA GLU A 180 -19.05 -13.16 -39.98
C GLU A 180 -18.91 -14.01 -38.72
N VAL A 181 -18.69 -13.38 -37.57
CA VAL A 181 -18.55 -14.10 -36.31
C VAL A 181 -19.89 -14.39 -35.68
N ILE A 182 -20.76 -13.38 -35.72
CA ILE A 182 -22.04 -13.42 -35.02
C ILE A 182 -22.99 -14.45 -35.66
N ARG A 183 -22.79 -14.71 -36.95
CA ARG A 183 -23.71 -15.55 -37.72
C ARG A 183 -23.16 -16.97 -37.92
N MET A 184 -21.87 -17.13 -37.71
CA MET A 184 -21.23 -18.43 -37.77
C MET A 184 -20.60 -18.75 -36.42
N GLN A 185 -21.31 -18.43 -35.34
CA GLN A 185 -20.72 -18.53 -34.01
C GLN A 185 -20.33 -19.96 -33.63
N ASP A 186 -20.98 -20.94 -34.25
CA ASP A 186 -20.70 -22.35 -33.98
C ASP A 186 -19.80 -22.98 -35.06
N SER A 187 -18.73 -22.29 -35.44
CA SER A 187 -17.93 -22.71 -36.58
C SER A 187 -16.53 -22.13 -36.53
N ASN A 188 -16.07 -21.83 -35.32
CA ASN A 188 -14.76 -21.24 -35.14
C ASN A 188 -14.47 -20.12 -36.17
N PRO A 189 -15.30 -19.07 -36.17
CA PRO A 189 -15.20 -17.98 -37.15
C PRO A 189 -14.11 -16.98 -36.87
N TYR A 190 -13.49 -17.06 -35.70
CA TYR A 190 -12.58 -16.02 -35.22
C TYR A 190 -11.29 -15.90 -36.04
N SER A 191 -10.91 -14.66 -36.35
CA SER A 191 -9.69 -14.42 -37.11
C SER A 191 -8.98 -13.15 -36.64
N PHE A 192 -7.79 -12.94 -37.18
CA PHE A 192 -7.09 -11.67 -36.97
C PHE A 192 -7.96 -10.51 -37.39
N GLN A 193 -8.82 -10.75 -38.39
CA GLN A 193 -9.64 -9.70 -38.93
C GLN A 193 -10.87 -9.42 -38.05
N SER A 194 -11.38 -10.45 -37.39
CA SER A 194 -12.52 -10.27 -36.50
C SER A 194 -12.08 -9.59 -35.20
N ASP A 195 -10.82 -9.79 -34.82
CA ASP A 195 -10.19 -9.02 -33.75
C ASP A 195 -10.18 -7.53 -34.10
N VAL A 196 -9.85 -7.24 -35.34
CA VAL A 196 -9.69 -5.88 -35.79
C VAL A 196 -11.04 -5.18 -35.71
N TYR A 197 -12.10 -5.88 -36.10
CA TYR A 197 -13.45 -5.35 -35.95
C TYR A 197 -13.80 -5.05 -34.48
N ALA A 198 -13.48 -6.00 -33.60
CA ALA A 198 -13.70 -5.83 -32.17
C ALA A 198 -13.01 -4.55 -31.72
N PHE A 199 -11.83 -4.31 -32.26
CA PHE A 199 -11.07 -3.12 -31.91
C PHE A 199 -11.75 -1.86 -32.44
N GLY A 200 -12.49 -2.00 -33.53
CA GLY A 200 -13.22 -0.90 -34.12
C GLY A 200 -14.40 -0.52 -33.26
N ILE A 201 -14.93 -1.50 -32.55
CA ILE A 201 -16.07 -1.26 -31.69
C ILE A 201 -15.52 -0.53 -30.48
N VAL A 202 -14.33 -0.93 -30.02
CA VAL A 202 -13.66 -0.26 -28.94
C VAL A 202 -13.35 1.21 -29.28
N LEU A 203 -12.90 1.47 -30.50
CA LEU A 203 -12.68 2.84 -30.95
C LEU A 203 -14.00 3.60 -30.87
N TYR A 204 -15.05 2.95 -31.38
CA TYR A 204 -16.40 3.48 -31.28
C TYR A 204 -16.75 3.92 -29.84
N GLU A 205 -16.59 3.02 -28.88
CA GLU A 205 -16.82 3.36 -27.48
C GLU A 205 -16.00 4.58 -27.02
N LEU A 206 -14.71 4.60 -27.36
CA LEU A 206 -13.84 5.70 -26.98
C LEU A 206 -14.32 7.02 -27.59
N MET A 207 -14.73 6.98 -28.86
CA MET A 207 -14.98 8.20 -29.60
C MET A 207 -16.41 8.70 -29.44
N THR A 208 -17.32 7.84 -28.99
CA THR A 208 -18.69 8.26 -28.79
C THR A 208 -19.09 8.23 -27.32
N GLY A 209 -18.33 7.52 -26.50
CA GLY A 209 -18.69 7.38 -25.10
C GLY A 209 -19.80 6.37 -24.84
N GLN A 210 -20.28 5.69 -25.88
CA GLN A 210 -21.27 4.65 -25.62
C GLN A 210 -21.05 3.31 -26.28
N LEU A 211 -21.89 2.37 -25.84
CA LEU A 211 -22.05 1.07 -26.45
C LEU A 211 -22.91 1.22 -27.68
N PRO A 212 -22.51 0.57 -28.77
CA PRO A 212 -23.27 0.64 -30.02
C PRO A 212 -24.64 0.01 -29.85
N TYR A 213 -25.65 0.46 -30.59
CA TYR A 213 -26.98 -0.17 -30.56
C TYR A 213 -27.69 0.01 -29.22
N SER A 214 -27.29 1.03 -28.46
CA SER A 214 -27.88 1.27 -27.15
C SER A 214 -29.36 1.63 -27.20
N ASN A 215 -29.86 1.95 -28.41
CA ASN A 215 -31.27 2.28 -28.60
C ASN A 215 -32.17 1.09 -28.96
N ILE A 216 -31.60 -0.11 -28.97
CA ILE A 216 -32.35 -1.30 -29.36
C ILE A 216 -32.46 -2.31 -28.21
N ASN A 217 -33.67 -2.80 -27.96
CA ASN A 217 -33.93 -3.67 -26.81
C ASN A 217 -33.69 -5.17 -27.03
N ASN A 218 -33.78 -5.63 -28.27
CA ASN A 218 -33.68 -7.06 -28.56
C ASN A 218 -32.30 -7.51 -29.03
N ARG A 219 -31.60 -8.25 -28.17
CA ARG A 219 -30.30 -8.79 -28.52
C ARG A 219 -30.42 -9.67 -29.76
N ASP A 220 -31.52 -10.41 -29.86
CA ASP A 220 -31.73 -11.29 -30.99
C ASP A 220 -31.84 -10.51 -32.29
N GLN A 221 -32.42 -9.31 -32.22
CA GLN A 221 -32.53 -8.46 -33.40
C GLN A 221 -31.16 -8.01 -33.83
N ILE A 222 -30.35 -7.62 -32.85
CA ILE A 222 -28.97 -7.22 -33.09
C ILE A 222 -28.15 -8.34 -33.74
N ILE A 223 -28.27 -9.57 -33.22
CA ILE A 223 -27.53 -10.69 -33.80
C ILE A 223 -27.91 -10.89 -35.26
N GLU A 224 -29.21 -11.01 -35.50
CA GLU A 224 -29.71 -11.21 -36.86
C GLU A 224 -29.23 -10.10 -37.77
N MET A 225 -29.57 -8.86 -37.42
CA MET A 225 -29.25 -7.71 -38.26
C MET A 225 -27.75 -7.50 -38.46
N VAL A 226 -26.97 -7.66 -37.39
CA VAL A 226 -25.54 -7.47 -37.52
C VAL A 226 -24.98 -8.60 -38.38
N GLY A 227 -25.58 -9.79 -38.25
CA GLY A 227 -25.23 -10.94 -39.07
C GLY A 227 -25.46 -10.78 -40.57
N ARG A 228 -26.55 -10.11 -40.94
CA ARG A 228 -26.92 -9.93 -42.35
C ARG A 228 -26.17 -8.74 -42.96
N GLY A 229 -25.43 -8.03 -42.13
CA GLY A 229 -24.76 -6.82 -42.55
C GLY A 229 -25.66 -5.59 -42.60
N SER A 230 -26.88 -5.72 -42.10
CA SER A 230 -27.84 -4.63 -42.22
C SER A 230 -27.94 -3.72 -40.98
N LEU A 231 -27.26 -4.08 -39.89
CA LEU A 231 -27.10 -3.21 -38.72
C LEU A 231 -25.63 -2.98 -38.41
N SER A 232 -25.23 -1.71 -38.34
CA SER A 232 -23.87 -1.40 -37.93
C SER A 232 -23.88 -0.16 -37.03
N PRO A 233 -22.76 0.07 -36.33
CA PRO A 233 -22.62 1.21 -35.40
C PRO A 233 -22.88 2.56 -36.08
N ASP A 234 -23.74 3.38 -35.49
CA ASP A 234 -24.05 4.70 -36.02
C ASP A 234 -22.93 5.69 -35.71
N LEU A 235 -22.08 5.93 -36.70
CA LEU A 235 -20.87 6.73 -36.53
C LEU A 235 -21.10 8.24 -36.40
N SER A 236 -22.34 8.68 -36.58
CA SER A 236 -22.65 10.10 -36.39
C SER A 236 -22.55 10.48 -34.92
N LYS A 237 -22.65 9.46 -34.06
CA LYS A 237 -22.67 9.66 -32.61
C LYS A 237 -21.27 9.95 -32.05
N VAL A 238 -20.28 10.01 -32.92
CA VAL A 238 -18.92 10.35 -32.53
C VAL A 238 -18.87 11.81 -32.03
N ARG A 239 -18.10 12.06 -30.97
CA ARG A 239 -17.90 13.42 -30.45
C ARG A 239 -17.50 14.33 -31.58
N SER A 240 -17.79 15.63 -31.43
CA SER A 240 -17.49 16.61 -32.46
C SER A 240 -15.99 16.73 -32.70
N ASN A 241 -15.18 16.56 -31.64
CA ASN A 241 -13.73 16.65 -31.78
C ASN A 241 -12.98 15.30 -31.96
N CYS A 242 -13.68 14.27 -32.39
CA CYS A 242 -12.96 13.06 -32.83
C CYS A 242 -12.28 13.35 -34.16
N PRO A 243 -10.95 13.27 -34.21
CA PRO A 243 -10.20 13.55 -35.44
C PRO A 243 -10.78 12.82 -36.65
N LYS A 244 -10.66 13.43 -37.83
CA LYS A 244 -11.15 12.82 -39.06
C LYS A 244 -10.43 11.48 -39.34
N ARG A 245 -9.12 11.42 -39.09
CA ARG A 245 -8.35 10.21 -39.33
C ARG A 245 -8.81 9.03 -38.45
N MET A 246 -9.17 9.31 -37.21
CA MET A 246 -9.68 8.30 -36.29
C MET A 246 -11.07 7.79 -36.69
N LYS A 247 -11.95 8.69 -37.12
CA LYS A 247 -13.27 8.30 -37.59
C LYS A 247 -13.20 7.42 -38.86
N ARG A 248 -12.28 7.73 -39.76
CA ARG A 248 -12.06 6.90 -40.95
C ARG A 248 -11.48 5.52 -40.61
N LEU A 249 -10.48 5.50 -39.73
CA LEU A 249 -9.89 4.24 -39.25
C LEU A 249 -10.96 3.33 -38.64
N MET A 250 -11.84 3.94 -37.86
CA MET A 250 -12.91 3.22 -37.17
C MET A 250 -13.79 2.52 -38.20
N ALA A 251 -14.17 3.28 -39.22
CA ALA A 251 -14.99 2.78 -40.30
C ALA A 251 -14.28 1.66 -41.09
N GLU A 252 -12.95 1.73 -41.22
CA GLU A 252 -12.22 0.66 -41.92
C GLU A 252 -12.19 -0.61 -41.09
N CYS A 253 -12.07 -0.46 -39.77
CA CYS A 253 -11.95 -1.60 -38.87
C CYS A 253 -13.29 -2.29 -38.80
N LEU A 254 -14.34 -1.55 -39.18
CA LEU A 254 -15.72 -2.02 -39.06
C LEU A 254 -16.36 -2.49 -40.38
N LYS A 255 -15.58 -2.48 -41.46
CA LYS A 255 -15.98 -3.05 -42.74
C LYS A 255 -16.61 -4.42 -42.57
N LYS A 256 -17.76 -4.66 -43.19
CA LYS A 256 -18.36 -5.98 -43.17
C LYS A 256 -17.53 -7.04 -43.93
N LYS A 257 -16.83 -6.64 -44.98
CA LYS A 257 -15.95 -7.59 -45.67
C LYS A 257 -14.61 -7.68 -44.92
N ARG A 258 -14.33 -8.84 -44.35
CA ARG A 258 -13.25 -8.91 -43.37
C ARG A 258 -11.86 -8.66 -43.99
N ASP A 259 -11.68 -9.12 -45.21
CA ASP A 259 -10.39 -8.95 -45.88
C ASP A 259 -10.18 -7.50 -46.28
N GLU A 260 -11.24 -6.70 -46.18
CA GLU A 260 -11.11 -5.26 -46.40
C GLU A 260 -10.70 -4.48 -45.14
N ARG A 261 -10.72 -5.14 -43.98
CA ARG A 261 -10.26 -4.50 -42.75
C ARG A 261 -8.75 -4.35 -42.73
N PRO A 262 -8.25 -3.26 -42.14
CA PRO A 262 -6.80 -3.05 -42.08
C PRO A 262 -6.16 -3.98 -41.06
N SER A 263 -4.86 -4.23 -41.18
CA SER A 263 -4.18 -5.07 -40.19
C SER A 263 -3.59 -4.19 -39.09
N PHE A 264 -3.19 -4.80 -37.96
CA PHE A 264 -2.79 -3.99 -36.81
C PHE A 264 -1.48 -3.25 -37.00
N PRO A 265 -0.58 -3.77 -37.85
CA PRO A 265 0.58 -2.89 -38.04
C PRO A 265 0.17 -1.55 -38.62
N ARG A 266 -0.86 -1.54 -39.47
CA ARG A 266 -1.29 -0.31 -40.13
C ARG A 266 -2.17 0.54 -39.22
N ILE A 267 -3.08 -0.13 -38.52
CA ILE A 267 -3.88 0.52 -37.48
C ILE A 267 -2.99 1.24 -36.47
N LEU A 268 -1.90 0.59 -36.06
CA LEU A 268 -1.04 1.21 -35.06
C LEU A 268 -0.38 2.45 -35.63
N ALA A 269 0.26 2.29 -36.79
CA ALA A 269 0.96 3.39 -37.44
C ALA A 269 0.04 4.59 -37.64
N GLU A 270 -1.15 4.34 -38.14
CA GLU A 270 -2.10 5.38 -38.37
C GLU A 270 -2.47 6.12 -37.08
N ILE A 271 -2.62 5.41 -35.96
CA ILE A 271 -2.97 6.09 -34.71
C ILE A 271 -1.79 6.86 -34.15
N GLU A 272 -0.58 6.29 -34.28
CA GLU A 272 0.63 6.99 -33.86
C GLU A 272 0.71 8.38 -34.48
N GLU A 273 0.60 8.44 -35.81
CA GLU A 273 0.71 9.71 -36.53
C GLU A 273 -0.39 10.69 -36.16
N LEU A 274 -1.63 10.24 -36.23
CA LEU A 274 -2.76 11.14 -35.99
C LEU A 274 -2.71 11.70 -34.56
N ALA A 275 -2.06 10.97 -33.66
CA ALA A 275 -1.85 11.42 -32.28
C ALA A 275 -0.74 12.45 -32.23
N ARG A 276 0.22 12.34 -33.14
CA ARG A 276 1.34 13.28 -33.20
C ARG A 276 0.85 14.63 -33.70
N GLU A 277 -0.12 14.61 -34.61
CA GLU A 277 -0.74 15.84 -35.11
C GLU A 277 -1.45 16.64 -34.01
N LEU A 278 -1.25 16.25 -32.76
CA LEU A 278 -1.86 16.92 -31.62
C LEU A 278 -0.83 17.20 -30.53
N GLY B 1 -9.23 21.21 21.33
CA GLY B 1 -9.00 22.61 21.02
C GLY B 1 -8.86 22.89 19.53
N SER B 2 -9.05 21.89 18.68
CA SER B 2 -9.03 22.14 17.24
C SER B 2 -10.31 22.82 16.83
N GLU B 3 -10.30 23.40 15.65
CA GLU B 3 -11.44 24.11 15.12
C GLU B 3 -11.73 23.65 13.68
N PHE B 4 -12.86 24.10 13.14
CA PHE B 4 -13.28 23.70 11.81
C PHE B 4 -12.21 23.87 10.72
N ASP B 5 -11.55 25.03 10.69
CA ASP B 5 -10.50 25.28 9.71
C ASP B 5 -9.41 24.18 9.70
N ASP B 6 -9.20 23.52 10.83
CA ASP B 6 -8.10 22.58 11.00
C ASP B 6 -8.40 21.19 10.42
N TRP B 7 -9.66 20.94 10.11
CA TRP B 7 -10.10 19.64 9.65
C TRP B 7 -10.13 19.61 8.14
N GLU B 8 -9.77 20.74 7.54
CA GLU B 8 -9.62 20.73 6.11
C GLU B 8 -8.34 19.96 5.73
N ILE B 9 -8.45 19.09 4.74
CA ILE B 9 -7.25 18.37 4.28
C ILE B 9 -6.69 19.25 3.18
N PRO B 10 -5.44 19.69 3.37
CA PRO B 10 -4.93 20.69 2.42
C PRO B 10 -5.01 20.20 0.99
N ASP B 11 -5.32 21.12 0.10
CA ASP B 11 -5.51 20.83 -1.30
C ASP B 11 -4.28 20.15 -1.91
N GLY B 12 -4.52 19.10 -2.68
CA GLY B 12 -3.42 18.40 -3.33
C GLY B 12 -2.96 17.18 -2.57
N GLN B 13 -3.39 17.01 -1.32
CA GLN B 13 -2.91 15.88 -0.55
C GLN B 13 -3.73 14.62 -0.73
N ILE B 14 -4.89 14.79 -1.33
CA ILE B 14 -5.72 13.67 -1.67
C ILE B 14 -5.80 13.48 -3.17
N THR B 15 -5.47 12.29 -3.64
CA THR B 15 -5.71 11.94 -5.03
C THR B 15 -7.02 11.17 -5.09
N VAL B 16 -7.99 11.69 -5.82
CA VAL B 16 -9.28 11.04 -5.97
C VAL B 16 -9.21 9.99 -7.09
N GLY B 17 -9.82 8.82 -6.86
CA GLY B 17 -9.69 7.73 -7.79
C GLY B 17 -11.00 7.15 -8.28
N GLN B 18 -11.10 5.83 -8.27
CA GLN B 18 -12.27 5.13 -8.79
CA GLN B 18 -12.26 5.14 -8.83
C GLN B 18 -13.56 5.62 -8.16
N ARG B 19 -14.56 5.93 -8.99
CA ARG B 19 -15.88 6.26 -8.49
C ARG B 19 -16.59 5.00 -8.00
N ILE B 20 -17.12 5.04 -6.79
CA ILE B 20 -17.74 3.86 -6.20
C ILE B 20 -19.26 3.91 -6.33
N GLY B 21 -19.87 5.05 -6.03
CA GLY B 21 -21.32 5.16 -6.14
C GLY B 21 -21.96 6.28 -5.35
N SER B 22 -23.29 6.24 -5.26
CA SER B 22 -24.03 7.28 -4.56
C SER B 22 -24.30 6.94 -3.11
N GLY B 23 -24.06 7.91 -2.23
CA GLY B 23 -24.43 7.80 -0.83
C GLY B 23 -25.31 8.98 -0.48
N SER B 24 -25.72 9.06 0.78
CA SER B 24 -26.59 10.15 1.16
C SER B 24 -25.88 11.49 0.92
N PHE B 25 -26.55 12.35 0.13
CA PHE B 25 -26.10 13.72 -0.14
C PHE B 25 -24.93 13.84 -1.12
N GLY B 26 -24.45 12.71 -1.68
CA GLY B 26 -23.35 12.79 -2.62
C GLY B 26 -22.75 11.54 -3.23
N THR B 27 -21.59 11.70 -3.88
CA THR B 27 -20.95 10.58 -4.58
C THR B 27 -19.64 10.12 -3.95
N VAL B 28 -19.54 8.83 -3.70
CA VAL B 28 -18.39 8.26 -3.03
C VAL B 28 -17.32 7.78 -4.01
N TYR B 29 -16.10 8.24 -3.77
CA TYR B 29 -14.94 7.83 -4.55
C TYR B 29 -13.92 7.20 -3.62
N LYS B 30 -13.13 6.29 -4.15
CA LYS B 30 -11.93 5.86 -3.48
C LYS B 30 -10.83 6.89 -3.65
N GLY B 31 -9.96 7.00 -2.65
CA GLY B 31 -8.87 7.95 -2.73
C GLY B 31 -7.63 7.58 -1.96
N LYS B 32 -6.62 8.40 -2.15
CA LYS B 32 -5.34 8.28 -1.49
C LYS B 32 -4.97 9.57 -0.78
N TRP B 33 -4.71 9.46 0.51
CA TRP B 33 -4.18 10.58 1.29
C TRP B 33 -2.82 10.00 1.65
N HIS B 34 -2.55 9.72 2.91
CA HIS B 34 -1.27 9.11 3.21
C HIS B 34 -1.50 7.59 3.07
N GLY B 35 -2.77 7.22 3.13
CA GLY B 35 -3.22 5.84 3.01
C GLY B 35 -4.50 5.86 2.17
N ASP B 36 -5.17 4.73 2.05
CA ASP B 36 -6.47 4.69 1.37
C ASP B 36 -7.53 5.48 2.19
N VAL B 37 -8.40 6.22 1.50
CA VAL B 37 -9.54 6.91 2.08
C VAL B 37 -10.75 6.74 1.17
N ALA B 38 -11.93 6.99 1.70
CA ALA B 38 -13.13 7.20 0.91
C ALA B 38 -13.42 8.72 0.88
N VAL B 39 -13.85 9.21 -0.27
CA VAL B 39 -14.18 10.61 -0.41
C VAL B 39 -15.61 10.74 -0.91
N LYS B 40 -16.47 11.39 -0.15
CA LYS B 40 -17.81 11.63 -0.66
C LYS B 40 -17.98 13.09 -1.07
N MET B 41 -18.08 13.31 -2.38
CA MET B 41 -18.33 14.62 -2.95
C MET B 41 -19.77 15.00 -2.75
N LEU B 42 -19.99 16.11 -2.05
CA LEU B 42 -21.33 16.59 -1.80
C LEU B 42 -21.88 17.29 -3.04
N ASN B 43 -23.19 17.21 -3.21
CA ASN B 43 -23.85 17.69 -4.42
C ASN B 43 -24.03 19.20 -4.46
N VAL B 44 -23.30 19.92 -3.61
CA VAL B 44 -23.46 21.37 -3.50
C VAL B 44 -22.39 22.12 -4.28
N THR B 45 -22.83 22.98 -5.18
CA THR B 45 -21.94 23.69 -6.10
C THR B 45 -21.35 24.95 -5.47
N ALA B 46 -22.22 25.94 -5.22
CA ALA B 46 -21.82 27.22 -4.66
C ALA B 46 -22.45 27.47 -3.29
N PRO B 47 -21.73 27.14 -2.20
CA PRO B 47 -22.37 27.20 -0.88
C PRO B 47 -22.51 28.61 -0.29
N THR B 48 -23.75 28.96 0.06
CA THR B 48 -24.05 30.21 0.78
C THR B 48 -23.46 30.22 2.19
N PRO B 49 -23.19 31.42 2.71
CA PRO B 49 -22.65 31.51 4.09
C PRO B 49 -23.49 30.70 5.09
N GLN B 50 -24.77 30.50 4.79
CA GLN B 50 -25.60 29.69 5.67
CA GLN B 50 -25.64 29.67 5.62
C GLN B 50 -25.34 28.19 5.46
N GLN B 51 -25.13 27.77 4.22
CA GLN B 51 -24.86 26.35 3.93
C GLN B 51 -23.45 25.94 4.38
N LEU B 52 -22.51 26.86 4.25
CA LEU B 52 -21.18 26.57 4.72
C LEU B 52 -21.20 26.40 6.24
N GLN B 53 -21.99 27.23 6.93
CA GLN B 53 -22.06 27.17 8.38
C GLN B 53 -22.75 25.89 8.84
N ALA B 54 -23.71 25.42 8.04
CA ALA B 54 -24.39 24.15 8.34
C ALA B 54 -23.43 22.99 8.15
N PHE B 55 -22.59 23.10 7.13
CA PHE B 55 -21.60 22.08 6.86
C PHE B 55 -20.66 22.07 8.05
N LYS B 56 -20.31 23.26 8.53
CA LYS B 56 -19.45 23.36 9.70
C LYS B 56 -20.11 22.67 10.89
N ASN B 57 -21.41 22.88 11.03
CA ASN B 57 -22.16 22.29 12.15
C ASN B 57 -22.18 20.77 12.09
N GLU B 58 -22.44 20.23 10.91
CA GLU B 58 -22.44 18.77 10.78
C GLU B 58 -21.04 18.20 11.03
N VAL B 59 -20.02 18.81 10.45
CA VAL B 59 -18.64 18.40 10.65
C VAL B 59 -18.28 18.41 12.12
N GLY B 60 -18.83 19.39 12.84
CA GLY B 60 -18.66 19.49 14.27
C GLY B 60 -19.24 18.28 14.98
N VAL B 61 -20.37 17.78 14.49
CA VAL B 61 -20.94 16.55 15.03
C VAL B 61 -20.06 15.35 14.70
N LEU B 62 -19.58 15.26 13.46
CA LEU B 62 -18.80 14.10 13.02
C LEU B 62 -17.51 13.97 13.81
N ARG B 63 -16.89 15.11 14.12
CA ARG B 63 -15.65 15.15 14.88
CA ARG B 63 -15.65 15.13 14.87
C ARG B 63 -15.76 14.51 16.26
N LYS B 64 -16.94 14.62 16.88
CA LYS B 64 -17.07 14.11 18.25
C LYS B 64 -17.79 12.76 18.40
N THR B 65 -18.39 12.26 17.31
CA THR B 65 -19.03 10.93 17.34
C THR B 65 -18.06 9.88 16.90
N ARG B 66 -17.55 9.09 17.85
CA ARG B 66 -16.49 8.15 17.55
C ARG B 66 -16.73 6.78 18.20
N HIS B 67 -16.52 5.69 17.46
CA HIS B 67 -16.75 4.34 17.98
C HIS B 67 -16.09 3.34 17.02
N VAL B 68 -15.64 2.20 17.53
CA VAL B 68 -14.93 1.22 16.71
C VAL B 68 -15.79 0.72 15.57
N ASN B 69 -17.11 0.83 15.70
CA ASN B 69 -18.03 0.33 14.69
C ASN B 69 -18.77 1.36 13.84
N ILE B 70 -18.21 2.55 13.73
CA ILE B 70 -18.69 3.54 12.78
C ILE B 70 -17.50 4.13 12.08
N LEU B 71 -17.69 4.56 10.84
CA LEU B 71 -16.59 5.13 10.08
C LEU B 71 -15.95 6.29 10.81
N LEU B 72 -14.64 6.41 10.67
CA LEU B 72 -13.92 7.54 11.23
C LEU B 72 -13.90 8.72 10.27
N PHE B 73 -14.29 9.88 10.78
CA PHE B 73 -14.26 11.11 10.01
C PHE B 73 -12.84 11.64 9.99
N MET B 74 -12.24 11.72 8.81
CA MET B 74 -10.84 12.10 8.78
C MET B 74 -10.62 13.53 8.34
N GLY B 75 -11.63 14.16 7.76
CA GLY B 75 -11.45 15.55 7.38
C GLY B 75 -12.34 15.88 6.23
N TYR B 76 -12.25 17.11 5.73
CA TYR B 76 -13.02 17.51 4.57
C TYR B 76 -12.10 18.22 3.59
N SER B 77 -12.55 18.28 2.36
CA SER B 77 -11.79 18.92 1.31
CA SER B 77 -11.78 18.94 1.34
C SER B 77 -12.68 19.96 0.67
N THR B 78 -12.05 20.94 0.04
CA THR B 78 -12.78 22.13 -0.42
C THR B 78 -12.78 22.30 -1.93
N LYS B 79 -11.77 21.74 -2.60
CA LYS B 79 -11.64 21.86 -4.04
C LYS B 79 -11.77 20.52 -4.74
N PRO B 80 -12.61 20.43 -5.80
CA PRO B 80 -13.41 21.51 -6.41
C PRO B 80 -14.71 21.79 -5.67
N GLN B 81 -15.07 20.90 -4.75
CA GLN B 81 -16.33 21.01 -4.03
C GLN B 81 -16.19 20.39 -2.66
N LEU B 82 -17.14 20.68 -1.79
CA LEU B 82 -17.09 20.17 -0.44
C LEU B 82 -17.18 18.65 -0.44
N ALA B 83 -16.36 18.02 0.37
CA ALA B 83 -16.34 16.57 0.41
C ALA B 83 -15.99 16.11 1.81
N ILE B 84 -16.57 14.97 2.18
CA ILE B 84 -16.31 14.33 3.45
C ILE B 84 -15.32 13.19 3.24
N VAL B 85 -14.22 13.21 4.00
CA VAL B 85 -13.18 12.21 3.87
C VAL B 85 -13.24 11.32 5.11
N THR B 86 -13.15 10.03 4.86
CA THR B 86 -13.34 8.97 5.84
C THR B 86 -12.29 7.86 5.60
N GLN B 87 -12.21 6.85 6.46
CA GLN B 87 -11.30 5.73 6.22
C GLN B 87 -11.88 4.80 5.17
N TRP B 88 -11.01 4.07 4.52
CA TRP B 88 -11.46 3.13 3.49
C TRP B 88 -11.71 1.73 4.04
N CYS B 89 -12.81 1.12 3.62
CA CYS B 89 -13.05 -0.25 4.01
C CYS B 89 -12.82 -1.19 2.81
N GLU B 90 -11.70 -1.91 2.87
CA GLU B 90 -11.28 -2.81 1.80
C GLU B 90 -12.31 -3.93 1.58
N GLY B 91 -13.04 -4.29 2.62
CA GLY B 91 -14.05 -5.33 2.50
C GLY B 91 -15.35 -4.88 1.85
N SER B 92 -15.37 -3.64 1.36
CA SER B 92 -16.56 -3.10 0.70
C SER B 92 -17.78 -3.15 1.64
N SER B 93 -18.97 -3.33 1.09
CA SER B 93 -20.19 -3.30 1.90
C SER B 93 -20.74 -4.69 2.15
N LEU B 94 -21.60 -4.75 3.17
CA LEU B 94 -22.34 -5.97 3.46
C LEU B 94 -23.24 -6.32 2.28
N TYR B 95 -23.86 -5.30 1.69
CA TYR B 95 -24.72 -5.53 0.55
C TYR B 95 -23.95 -6.23 -0.57
N HIS B 96 -22.77 -5.72 -0.87
CA HIS B 96 -21.97 -6.25 -1.96
C HIS B 96 -21.64 -7.71 -1.69
N HIS B 97 -21.32 -8.05 -0.44
CA HIS B 97 -21.01 -9.44 -0.14
C HIS B 97 -22.23 -10.34 -0.24
N LEU B 98 -23.34 -9.91 0.35
CA LEU B 98 -24.52 -10.76 0.43
C LEU B 98 -25.24 -10.90 -0.91
N HIS B 99 -25.39 -9.79 -1.62
CA HIS B 99 -26.33 -9.73 -2.74
C HIS B 99 -25.68 -9.55 -4.10
N ALA B 100 -24.38 -9.31 -4.13
CA ALA B 100 -23.72 -9.09 -5.41
C ALA B 100 -22.62 -10.12 -5.62
N SER B 101 -21.87 -10.43 -4.58
CA SER B 101 -20.84 -11.49 -4.65
C SER B 101 -21.39 -12.81 -4.15
N GLU B 102 -22.53 -12.75 -3.47
CA GLU B 102 -23.12 -13.92 -2.85
C GLU B 102 -22.06 -14.68 -2.07
N THR B 103 -21.26 -13.90 -1.34
CA THR B 103 -20.26 -14.44 -0.44
C THR B 103 -20.93 -15.30 0.63
N LYS B 104 -20.30 -16.40 0.99
CA LYS B 104 -20.84 -17.29 2.02
C LYS B 104 -20.21 -17.07 3.39
N PHE B 105 -20.97 -16.42 4.25
CA PHE B 105 -20.58 -16.31 5.63
C PHE B 105 -21.10 -17.50 6.43
N GLU B 106 -20.25 -18.00 7.32
CA GLU B 106 -20.62 -18.98 8.32
C GLU B 106 -21.44 -18.29 9.41
N MET B 107 -22.22 -19.05 10.16
CA MET B 107 -23.16 -18.45 11.11
C MET B 107 -22.47 -17.60 12.18
N LYS B 108 -21.28 -18.03 12.60
CA LYS B 108 -20.56 -17.31 13.62
C LYS B 108 -20.17 -15.93 13.11
N LYS B 109 -19.78 -15.85 11.84
CA LYS B 109 -19.40 -14.59 11.22
C LYS B 109 -20.62 -13.67 11.04
N LEU B 110 -21.74 -14.25 10.62
CA LEU B 110 -22.99 -13.49 10.49
C LEU B 110 -23.37 -12.85 11.82
N ILE B 111 -23.18 -13.60 12.88
CA ILE B 111 -23.60 -13.14 14.19
C ILE B 111 -22.62 -12.09 14.70
N ASP B 112 -21.35 -12.25 14.38
CA ASP B 112 -20.39 -11.24 14.78
C ASP B 112 -20.69 -9.91 14.08
N ILE B 113 -21.07 -9.96 12.81
CA ILE B 113 -21.41 -8.78 12.05
C ILE B 113 -22.65 -8.08 12.62
N ALA B 114 -23.62 -8.89 13.03
CA ALA B 114 -24.84 -8.35 13.62
C ALA B 114 -24.49 -7.69 14.94
N ARG B 115 -23.56 -8.30 15.66
CA ARG B 115 -23.19 -7.79 16.97
C ARG B 115 -22.49 -6.45 16.83
N GLN B 116 -21.53 -6.39 15.91
CA GLN B 116 -20.81 -5.15 15.69
C GLN B 116 -21.74 -4.05 15.16
N THR B 117 -22.67 -4.41 14.28
CA THR B 117 -23.60 -3.42 13.79
C THR B 117 -24.47 -2.89 14.94
N ALA B 118 -24.91 -3.77 15.85
CA ALA B 118 -25.72 -3.36 17.00
C ALA B 118 -24.93 -2.45 17.94
N ARG B 119 -23.65 -2.77 18.16
CA ARG B 119 -22.76 -1.91 18.94
C ARG B 119 -22.70 -0.50 18.36
N GLY B 120 -22.50 -0.43 17.05
CA GLY B 120 -22.44 0.83 16.34
C GLY B 120 -23.73 1.61 16.45
N MET B 121 -24.86 0.94 16.23
CA MET B 121 -26.14 1.62 16.26
C MET B 121 -26.52 2.06 17.66
N ASP B 122 -26.09 1.26 18.64
CA ASP B 122 -26.28 1.56 20.05
C ASP B 122 -25.53 2.84 20.46
N TYR B 123 -24.31 2.99 19.95
CA TYR B 123 -23.53 4.17 20.23
C TYR B 123 -24.19 5.43 19.62
N LEU B 124 -24.62 5.32 18.37
CA LEU B 124 -25.30 6.40 17.67
C LEU B 124 -26.58 6.83 18.42
N HIS B 125 -27.35 5.85 18.89
CA HIS B 125 -28.56 6.17 19.61
C HIS B 125 -28.27 6.75 20.99
N ALA B 126 -27.18 6.30 21.60
CA ALA B 126 -26.74 6.81 22.89
C ALA B 126 -26.31 8.27 22.75
N LYS B 127 -25.91 8.65 21.55
CA LYS B 127 -25.62 10.04 21.21
C LYS B 127 -26.83 10.72 20.58
N SER B 128 -27.99 10.07 20.69
CA SER B 128 -29.24 10.66 20.25
C SER B 128 -29.28 10.95 18.76
N ILE B 129 -28.50 10.18 18.00
CA ILE B 129 -28.47 10.30 16.55
C ILE B 129 -29.39 9.25 15.90
N ILE B 130 -30.30 9.70 15.05
CA ILE B 130 -31.13 8.79 14.27
C ILE B 130 -30.47 8.62 12.90
N HIS B 131 -30.21 7.37 12.51
CA HIS B 131 -29.47 7.12 11.27
C HIS B 131 -30.31 7.43 10.04
N ARG B 132 -31.53 6.89 10.03
CA ARG B 132 -32.53 7.14 8.98
C ARG B 132 -32.30 6.37 7.71
N ASP B 133 -31.10 5.83 7.54
CA ASP B 133 -30.74 5.23 6.28
C ASP B 133 -29.93 3.95 6.45
N LEU B 134 -30.21 3.21 7.51
CA LEU B 134 -29.47 2.01 7.76
C LEU B 134 -29.88 0.93 6.75
N LYS B 135 -28.89 0.35 6.07
CA LYS B 135 -29.11 -0.78 5.16
C LYS B 135 -27.76 -1.44 4.97
N SER B 136 -27.75 -2.64 4.38
CA SER B 136 -26.51 -3.38 4.18
C SER B 136 -25.55 -2.62 3.27
N ASN B 137 -26.09 -1.69 2.46
CA ASN B 137 -25.27 -0.81 1.59
C ASN B 137 -24.34 0.14 2.29
N ASN B 138 -24.64 0.48 3.55
CA ASN B 138 -23.76 1.40 4.25
C ASN B 138 -23.32 0.81 5.58
N ILE B 139 -23.19 -0.51 5.56
CA ILE B 139 -22.47 -1.26 6.56
C ILE B 139 -21.20 -1.77 5.91
N PHE B 140 -20.04 -1.36 6.39
CA PHE B 140 -18.82 -1.64 5.67
C PHE B 140 -17.91 -2.60 6.41
N LEU B 141 -17.11 -3.35 5.65
CA LEU B 141 -16.21 -4.30 6.24
C LEU B 141 -14.80 -3.76 6.10
N HIS B 142 -14.16 -3.47 7.24
CA HIS B 142 -12.80 -2.99 7.19
C HIS B 142 -11.89 -4.17 6.88
N GLU B 143 -10.72 -3.87 6.36
CA GLU B 143 -9.74 -4.92 6.10
C GLU B 143 -9.42 -5.70 7.36
N ASP B 144 -9.55 -5.08 8.53
CA ASP B 144 -9.21 -5.78 9.78
C ASP B 144 -10.39 -6.54 10.31
N ASN B 145 -11.43 -6.68 9.50
CA ASN B 145 -12.64 -7.43 9.85
C ASN B 145 -13.61 -6.73 10.80
N THR B 146 -13.37 -5.47 11.10
CA THR B 146 -14.32 -4.71 11.91
C THR B 146 -15.47 -4.18 11.06
N VAL B 147 -16.67 -4.13 11.63
CA VAL B 147 -17.78 -3.50 10.92
C VAL B 147 -17.75 -2.00 11.14
N LYS B 148 -17.93 -1.24 10.06
CA LYS B 148 -18.00 0.23 10.13
C LYS B 148 -19.29 0.72 9.55
N ILE B 149 -20.14 1.28 10.38
CA ILE B 149 -21.37 1.86 9.88
C ILE B 149 -21.06 3.18 9.22
N GLY B 150 -21.72 3.48 8.11
CA GLY B 150 -21.59 4.79 7.47
C GLY B 150 -22.92 5.41 7.12
N ASP B 151 -22.90 6.58 6.49
CA ASP B 151 -24.11 7.31 6.14
C ASP B 151 -24.95 7.78 7.34
N PHE B 152 -24.33 7.92 8.50
CA PHE B 152 -25.06 8.43 9.66
C PHE B 152 -24.92 9.94 9.80
N GLY B 153 -24.00 10.55 9.04
CA GLY B 153 -23.73 11.97 9.15
C GLY B 153 -24.76 12.89 8.51
N LEU B 154 -24.61 14.19 8.76
CA LEU B 154 -25.54 15.21 8.24
C LEU B 154 -26.98 14.89 8.64
N ALA B 155 -27.17 14.43 9.87
CA ALA B 155 -28.46 14.00 10.38
C ALA B 155 -29.51 15.12 10.36
N THR B 156 -29.16 16.28 10.92
CA THR B 156 -30.09 17.40 10.99
C THR B 156 -30.44 17.86 9.58
N GLU B 157 -29.44 17.85 8.70
CA GLU B 157 -29.63 18.27 7.33
C GLU B 157 -30.61 17.31 6.64
N LYS B 158 -30.69 16.08 7.15
CA LYS B 158 -31.61 15.07 6.62
C LYS B 158 -33.06 15.37 6.99
N SER B 159 -33.27 15.94 8.18
CA SER B 159 -34.61 16.16 8.69
C SER B 159 -35.23 17.43 8.10
N ARG B 160 -34.52 18.10 7.19
CA ARG B 160 -35.14 19.13 6.34
C ARG B 160 -36.05 18.46 5.32
N SER B 173 -34.44 1.52 -1.73
CA SER B 173 -34.16 1.68 -0.31
C SER B 173 -35.41 1.46 0.54
N ILE B 174 -36.47 0.98 -0.13
CA ILE B 174 -37.77 0.76 0.51
C ILE B 174 -37.78 -0.50 1.35
N LEU B 175 -36.88 -1.44 1.06
CA LEU B 175 -36.82 -2.71 1.78
C LEU B 175 -36.52 -2.57 3.28
N TRP B 176 -35.83 -1.51 3.67
CA TRP B 176 -35.43 -1.30 5.07
C TRP B 176 -36.35 -0.27 5.75
N MET B 177 -37.38 0.20 5.04
CA MET B 177 -38.33 1.18 5.59
C MET B 177 -39.42 0.58 6.48
N ALA B 178 -39.45 0.99 7.75
CA ALA B 178 -40.55 0.64 8.64
C ALA B 178 -41.86 1.05 7.98
N PRO B 179 -42.94 0.32 8.27
CA PRO B 179 -44.23 0.58 7.61
C PRO B 179 -44.72 2.00 7.86
N GLU B 180 -44.54 2.53 9.07
CA GLU B 180 -44.97 3.89 9.34
C GLU B 180 -44.16 4.91 8.55
N VAL B 181 -42.97 4.52 8.08
CA VAL B 181 -42.21 5.43 7.24
C VAL B 181 -42.64 5.21 5.79
N ILE B 182 -42.85 3.96 5.44
CA ILE B 182 -43.14 3.54 4.08
C ILE B 182 -44.50 4.02 3.60
N ARG B 183 -45.29 4.60 4.50
CA ARG B 183 -46.62 5.07 4.14
C ARG B 183 -46.74 6.58 4.36
N MET B 184 -45.75 7.16 5.02
CA MET B 184 -45.76 8.60 5.29
C MET B 184 -44.62 9.28 4.53
N ASN B 188 -39.89 13.43 10.14
CA ASN B 188 -41.28 13.30 10.56
C ASN B 188 -41.57 11.89 11.10
N PRO B 189 -41.66 10.88 10.21
CA PRO B 189 -41.96 9.54 10.70
C PRO B 189 -40.74 8.75 11.21
N TYR B 190 -39.53 9.27 10.98
CA TYR B 190 -38.28 8.57 11.33
C TYR B 190 -38.04 8.68 12.83
N SER B 191 -37.61 7.59 13.43
CA SER B 191 -37.37 7.55 14.87
C SER B 191 -36.28 6.54 15.21
N PHE B 192 -35.94 6.44 16.48
CA PHE B 192 -35.02 5.39 16.90
C PHE B 192 -35.64 4.04 16.57
N GLN B 193 -36.95 3.95 16.65
CA GLN B 193 -37.65 2.69 16.42
C GLN B 193 -37.64 2.28 14.96
N SER B 194 -37.62 3.26 14.06
CA SER B 194 -37.55 2.99 12.64
C SER B 194 -36.13 2.52 12.26
N ASP B 195 -35.14 2.98 13.03
CA ASP B 195 -33.77 2.51 12.92
C ASP B 195 -33.71 1.05 13.31
N VAL B 196 -34.45 0.72 14.37
CA VAL B 196 -34.51 -0.64 14.88
C VAL B 196 -35.10 -1.56 13.82
N TYR B 197 -36.16 -1.13 13.14
CA TYR B 197 -36.74 -1.92 12.06
C TYR B 197 -35.75 -2.20 10.90
N ALA B 198 -35.07 -1.15 10.45
CA ALA B 198 -34.11 -1.30 9.36
C ALA B 198 -33.03 -2.30 9.76
N PHE B 199 -32.64 -2.27 11.03
CA PHE B 199 -31.67 -3.21 11.55
C PHE B 199 -32.26 -4.63 11.49
N GLY B 200 -33.57 -4.73 11.72
CA GLY B 200 -34.25 -6.00 11.64
C GLY B 200 -34.17 -6.57 10.23
N ILE B 201 -34.29 -5.69 9.24
CA ILE B 201 -34.14 -6.14 7.86
C ILE B 201 -32.70 -6.58 7.60
N VAL B 202 -31.72 -5.89 8.17
CA VAL B 202 -30.33 -6.29 8.01
C VAL B 202 -30.09 -7.67 8.65
N LEU B 203 -30.71 -7.92 9.80
CA LEU B 203 -30.68 -9.25 10.40
C LEU B 203 -31.29 -10.27 9.43
N TYR B 204 -32.39 -9.89 8.81
CA TYR B 204 -33.04 -10.72 7.80
C TYR B 204 -32.07 -11.04 6.66
N GLU B 205 -31.44 -10.01 6.10
CA GLU B 205 -30.45 -10.20 5.07
C GLU B 205 -29.36 -11.16 5.51
N LEU B 206 -28.89 -11.00 6.72
CA LEU B 206 -27.81 -11.83 7.20
C LEU B 206 -28.22 -13.26 7.39
N MET B 207 -29.39 -13.46 7.98
CA MET B 207 -29.82 -14.78 8.43
C MET B 207 -30.46 -15.63 7.34
N THR B 208 -30.88 -14.99 6.27
CA THR B 208 -31.51 -15.65 5.15
C THR B 208 -30.56 -15.73 3.98
N GLY B 209 -29.71 -14.73 3.88
CA GLY B 209 -28.83 -14.58 2.74
C GLY B 209 -29.49 -13.81 1.61
N GLN B 210 -30.72 -13.34 1.81
CA GLN B 210 -31.38 -12.60 0.73
C GLN B 210 -32.21 -11.37 1.16
N LEU B 211 -32.56 -10.57 0.17
CA LEU B 211 -33.38 -9.41 0.40
C LEU B 211 -34.79 -9.85 0.65
N PRO B 212 -35.53 -9.11 1.47
CA PRO B 212 -36.95 -9.45 1.69
C PRO B 212 -37.78 -9.24 0.42
N TYR B 213 -38.84 -10.02 0.25
CA TYR B 213 -39.80 -9.79 -0.83
C TYR B 213 -39.18 -10.05 -2.20
N SER B 214 -38.23 -10.98 -2.26
CA SER B 214 -37.56 -11.28 -3.53
C SER B 214 -38.53 -11.92 -4.54
N ASN B 215 -39.74 -12.28 -4.10
CA ASN B 215 -40.71 -12.91 -4.99
C ASN B 215 -41.73 -11.89 -5.56
N ILE B 216 -41.64 -10.64 -5.13
CA ILE B 216 -42.52 -9.58 -5.63
C ILE B 216 -41.75 -8.68 -6.61
N ASN B 217 -42.18 -8.64 -7.87
CA ASN B 217 -41.46 -7.89 -8.88
C ASN B 217 -41.81 -6.40 -8.96
N ASN B 218 -42.91 -6.00 -8.33
CA ASN B 218 -43.34 -4.60 -8.40
C ASN B 218 -43.24 -3.86 -7.07
N ARG B 219 -42.47 -2.77 -7.08
CA ARG B 219 -42.30 -1.92 -5.89
C ARG B 219 -43.62 -1.48 -5.27
N ASP B 220 -44.55 -1.05 -6.12
CA ASP B 220 -45.80 -0.44 -5.65
C ASP B 220 -46.64 -1.43 -4.88
N GLN B 221 -46.57 -2.70 -5.25
CA GLN B 221 -47.24 -3.73 -4.48
C GLN B 221 -46.62 -3.75 -3.09
N ILE B 222 -45.29 -3.72 -3.06
CA ILE B 222 -44.54 -3.80 -1.81
C ILE B 222 -44.75 -2.60 -0.91
N ILE B 223 -44.66 -1.41 -1.50
CA ILE B 223 -44.70 -0.18 -0.73
C ILE B 223 -45.92 -0.09 0.17
N GLU B 224 -47.11 -0.33 -0.37
CA GLU B 224 -48.29 -0.21 0.47
C GLU B 224 -48.68 -1.46 1.27
N MET B 225 -48.49 -2.65 0.70
CA MET B 225 -48.82 -3.83 1.49
C MET B 225 -48.00 -3.85 2.76
N VAL B 226 -46.73 -3.47 2.66
CA VAL B 226 -45.89 -3.38 3.85
C VAL B 226 -46.37 -2.19 4.69
N GLY B 227 -46.76 -1.13 4.00
CA GLY B 227 -47.30 0.07 4.65
C GLY B 227 -48.57 -0.18 5.44
N ARG B 228 -49.53 -0.85 4.81
CA ARG B 228 -50.78 -1.16 5.49
C ARG B 228 -50.49 -2.23 6.54
N GLY B 229 -49.73 -3.26 6.17
CA GLY B 229 -49.36 -4.29 7.11
C GLY B 229 -49.72 -5.70 6.68
N SER B 230 -50.01 -5.86 5.39
CA SER B 230 -50.42 -7.16 4.88
C SER B 230 -49.22 -7.88 4.26
N LEU B 231 -48.06 -7.22 4.27
CA LEU B 231 -46.82 -7.83 3.77
C LEU B 231 -45.63 -7.60 4.70
N SER B 232 -44.96 -8.70 5.06
CA SER B 232 -43.77 -8.65 5.90
C SER B 232 -42.84 -9.76 5.42
N PRO B 233 -41.55 -9.69 5.81
CA PRO B 233 -40.52 -10.61 5.31
C PRO B 233 -40.84 -12.08 5.62
N ASP B 234 -40.59 -12.96 4.67
CA ASP B 234 -40.82 -14.39 4.87
C ASP B 234 -39.72 -15.00 5.73
N LEU B 235 -40.06 -15.26 6.98
CA LEU B 235 -39.10 -15.77 7.95
C LEU B 235 -38.73 -17.23 7.73
N SER B 236 -39.44 -17.91 6.84
CA SER B 236 -39.13 -19.31 6.54
C SER B 236 -37.78 -19.40 5.78
N LYS B 237 -37.35 -18.28 5.23
CA LYS B 237 -36.12 -18.21 4.44
C LYS B 237 -34.87 -18.15 5.31
N VAL B 238 -35.07 -18.11 6.63
CA VAL B 238 -33.97 -18.09 7.58
C VAL B 238 -33.22 -19.41 7.57
N ARG B 239 -31.87 -19.36 7.61
CA ARG B 239 -31.05 -20.57 7.65
C ARG B 239 -31.43 -21.46 8.83
N SER B 240 -31.21 -22.76 8.67
CA SER B 240 -31.55 -23.75 9.70
C SER B 240 -30.66 -23.64 10.95
N ASN B 241 -29.39 -23.26 10.79
CA ASN B 241 -28.54 -23.11 11.97
C ASN B 241 -28.61 -21.69 12.59
N CYS B 242 -29.62 -20.90 12.24
CA CYS B 242 -29.81 -19.60 12.91
C CYS B 242 -30.40 -19.77 14.28
N PRO B 243 -29.66 -19.34 15.31
CA PRO B 243 -30.11 -19.47 16.70
C PRO B 243 -31.56 -19.01 16.87
N LYS B 244 -32.30 -19.68 17.76
CA LYS B 244 -33.71 -19.40 18.00
C LYS B 244 -33.88 -17.97 18.52
N ARG B 245 -32.94 -17.55 19.37
CA ARG B 245 -33.00 -16.23 19.97
C ARG B 245 -32.86 -15.17 18.90
N MET B 246 -31.99 -15.43 17.93
CA MET B 246 -31.75 -14.51 16.85
C MET B 246 -33.02 -14.37 16.04
N LYS B 247 -33.67 -15.49 15.75
CA LYS B 247 -34.92 -15.44 15.01
C LYS B 247 -35.96 -14.61 15.78
N ARG B 248 -36.03 -14.82 17.09
CA ARG B 248 -36.98 -14.10 17.92
C ARG B 248 -36.73 -12.59 17.93
N LEU B 249 -35.46 -12.22 18.07
CA LEU B 249 -35.06 -10.82 18.06
C LEU B 249 -35.43 -10.15 16.75
N MET B 250 -35.15 -10.83 15.65
CA MET B 250 -35.46 -10.30 14.34
C MET B 250 -36.95 -9.95 14.24
N ALA B 251 -37.78 -10.85 14.74
CA ALA B 251 -39.23 -10.66 14.69
C ALA B 251 -39.67 -9.45 15.50
N GLU B 252 -39.00 -9.20 16.62
CA GLU B 252 -39.30 -8.02 17.44
CA GLU B 252 -39.30 -8.02 17.44
C GLU B 252 -38.90 -6.74 16.71
N CYS B 253 -37.71 -6.70 16.13
CA CYS B 253 -37.24 -5.50 15.46
C CYS B 253 -38.16 -5.15 14.29
N LEU B 254 -38.83 -6.16 13.75
CA LEU B 254 -39.70 -6.01 12.60
C LEU B 254 -41.17 -5.80 12.99
N LYS B 255 -41.47 -5.57 14.27
CA LYS B 255 -42.84 -5.33 14.68
C LYS B 255 -43.42 -4.15 13.90
N LYS B 256 -44.63 -4.33 13.40
CA LYS B 256 -45.29 -3.32 12.59
C LYS B 256 -45.66 -2.12 13.47
N LYS B 257 -46.01 -2.42 14.71
CA LYS B 257 -46.33 -1.36 15.65
C LYS B 257 -45.01 -0.93 16.28
N ARG B 258 -44.59 0.28 15.91
CA ARG B 258 -43.25 0.79 16.18
C ARG B 258 -42.91 0.84 17.67
N ASP B 259 -43.93 1.03 18.51
CA ASP B 259 -43.66 1.12 19.94
C ASP B 259 -43.46 -0.23 20.61
N GLU B 260 -43.67 -1.30 19.86
CA GLU B 260 -43.42 -2.67 20.32
C GLU B 260 -42.00 -3.17 20.00
N ARG B 261 -41.22 -2.38 19.29
CA ARG B 261 -39.85 -2.77 18.97
C ARG B 261 -38.91 -2.53 20.14
N PRO B 262 -37.91 -3.42 20.31
CA PRO B 262 -36.90 -3.23 21.35
C PRO B 262 -35.98 -2.07 20.97
N SER B 263 -35.25 -1.53 21.94
CA SER B 263 -34.29 -0.47 21.68
C SER B 263 -32.90 -1.11 21.60
N PHE B 264 -31.90 -0.34 21.22
CA PHE B 264 -30.60 -0.93 20.94
C PHE B 264 -29.78 -1.42 22.15
N PRO B 265 -29.96 -0.80 23.33
CA PRO B 265 -29.27 -1.40 24.48
C PRO B 265 -29.72 -2.85 24.68
N ARG B 266 -31.01 -3.07 24.47
CA ARG B 266 -31.65 -4.37 24.58
C ARG B 266 -31.25 -5.32 23.46
N ILE B 267 -31.32 -4.82 22.22
CA ILE B 267 -30.90 -5.57 21.04
C ILE B 267 -29.47 -6.08 21.16
N LEU B 268 -28.57 -5.20 21.58
CA LEU B 268 -27.16 -5.55 21.74
C LEU B 268 -26.98 -6.59 22.86
N ALA B 269 -27.65 -6.37 23.99
CA ALA B 269 -27.56 -7.31 25.10
C ALA B 269 -27.98 -8.71 24.64
N GLU B 270 -29.10 -8.77 23.92
CA GLU B 270 -29.62 -10.02 23.41
C GLU B 270 -28.66 -10.72 22.44
N ILE B 271 -27.97 -9.96 21.60
CA ILE B 271 -27.04 -10.53 20.65
C ILE B 271 -25.72 -10.88 21.32
N GLU B 272 -25.32 -10.09 22.32
CA GLU B 272 -24.09 -10.39 23.08
C GLU B 272 -24.18 -11.74 23.79
N GLU B 273 -25.26 -11.95 24.53
CA GLU B 273 -25.44 -13.18 25.29
C GLU B 273 -25.61 -14.33 24.32
N LEU B 274 -26.49 -14.12 23.35
CA LEU B 274 -26.77 -15.10 22.32
C LEU B 274 -25.49 -15.54 21.62
N ALA B 275 -24.49 -14.64 21.58
CA ALA B 275 -23.20 -14.95 20.97
C ALA B 275 -22.29 -15.75 21.89
N ARG B 276 -22.50 -15.65 23.20
CA ARG B 276 -21.68 -16.38 24.16
C ARG B 276 -21.99 -17.86 24.01
N GLU B 277 -23.27 -18.15 23.94
CA GLU B 277 -23.77 -19.47 23.55
C GLU B 277 -23.31 -19.76 22.14
N LEU B 278 -22.06 -20.14 21.97
CA LEU B 278 -21.45 -20.48 20.69
C LEU B 278 -19.95 -20.63 20.89
N SER C 2 -7.49 13.46 29.88
CA SER C 2 -8.76 13.06 30.48
C SER C 2 -9.93 13.40 29.58
N GLU C 3 -10.08 14.69 29.26
CA GLU C 3 -11.18 15.12 28.39
C GLU C 3 -10.97 14.72 26.94
N PHE C 4 -12.09 14.60 26.23
CA PHE C 4 -12.08 14.25 24.83
C PHE C 4 -11.40 15.30 23.98
N ASP C 5 -10.35 14.90 23.27
CA ASP C 5 -9.67 15.79 22.34
C ASP C 5 -9.72 15.09 20.99
N ASP C 6 -10.26 15.74 19.96
CA ASP C 6 -10.51 15.09 18.68
C ASP C 6 -9.26 14.96 17.80
N TRP C 7 -8.15 15.54 18.25
CA TRP C 7 -6.89 15.46 17.55
C TRP C 7 -5.95 14.39 18.19
N GLU C 8 -6.37 13.81 19.32
CA GLU C 8 -5.66 12.73 20.00
C GLU C 8 -5.95 11.35 19.40
N ILE C 9 -4.92 10.55 19.22
CA ILE C 9 -5.12 9.18 18.73
C ILE C 9 -5.13 8.20 19.91
N PRO C 10 -6.26 7.51 20.13
CA PRO C 10 -6.41 6.64 21.30
C PRO C 10 -5.40 5.50 21.31
N ASP C 11 -5.05 5.04 22.51
CA ASP C 11 -4.11 3.94 22.69
C ASP C 11 -4.59 2.73 21.86
N GLY C 12 -3.69 2.13 21.09
CA GLY C 12 -4.03 0.96 20.31
C GLY C 12 -4.36 1.24 18.85
N GLN C 13 -4.53 2.52 18.49
CA GLN C 13 -4.89 2.86 17.11
C GLN C 13 -3.67 3.12 16.22
N ILE C 14 -2.49 3.20 16.83
CA ILE C 14 -1.25 3.36 16.09
C ILE C 14 -0.39 2.11 16.23
N THR C 15 0.04 1.53 15.11
CA THR C 15 1.00 0.44 15.16
C THR C 15 2.39 1.01 15.00
N VAL C 16 3.24 0.81 16.01
CA VAL C 16 4.60 1.31 15.91
C VAL C 16 5.45 0.26 15.21
N GLY C 17 6.33 0.70 14.31
CA GLY C 17 7.14 -0.25 13.54
C GLY C 17 8.61 0.06 13.70
N GLN C 18 9.32 0.07 12.59
CA GLN C 18 10.76 0.26 12.64
C GLN C 18 11.15 1.55 13.34
N ARG C 19 12.14 1.46 14.22
CA ARG C 19 12.77 2.64 14.81
C ARG C 19 13.73 3.29 13.81
N ILE C 20 13.60 4.60 13.62
CA ILE C 20 14.38 5.28 12.60
C ILE C 20 15.59 5.96 13.21
N GLY C 21 15.42 6.64 14.34
CA GLY C 21 16.54 7.30 14.96
C GLY C 21 16.07 8.38 15.92
N SER C 22 17.01 9.19 16.37
CA SER C 22 16.72 10.28 17.31
C SER C 22 16.46 11.60 16.59
N GLY C 23 15.41 12.28 17.01
CA GLY C 23 15.13 13.62 16.52
C GLY C 23 15.01 14.58 17.69
N SER C 24 14.71 15.83 17.37
CA SER C 24 14.61 16.83 18.42
C SER C 24 13.52 16.44 19.39
N PHE C 25 13.90 16.30 20.66
CA PHE C 25 12.96 16.04 21.74
C PHE C 25 12.43 14.61 21.76
N GLY C 26 12.94 13.73 20.88
CA GLY C 26 12.46 12.37 20.92
C GLY C 26 12.98 11.36 19.90
N THR C 27 12.30 10.22 19.85
CA THR C 27 12.66 9.10 18.97
C THR C 27 11.62 8.85 17.89
N VAL C 28 12.09 8.78 16.65
CA VAL C 28 11.22 8.64 15.50
C VAL C 28 11.06 7.19 15.04
N TYR C 29 9.80 6.78 14.91
CA TYR C 29 9.42 5.50 14.40
C TYR C 29 8.57 5.59 13.15
N LYS C 30 8.70 4.59 12.28
CA LYS C 30 7.72 4.42 11.25
C LYS C 30 6.53 3.76 11.90
N GLY C 31 5.33 4.12 11.45
CA GLY C 31 4.14 3.57 12.06
C GLY C 31 2.98 3.49 11.10
N LYS C 32 1.88 2.92 11.57
CA LYS C 32 0.68 2.79 10.76
C LYS C 32 -0.51 3.45 11.49
N TRP C 33 -1.09 4.45 10.85
CA TRP C 33 -2.37 5.04 11.29
C TRP C 33 -3.20 5.30 10.03
N HIS C 34 -4.08 4.37 9.68
CA HIS C 34 -4.84 4.45 8.44
C HIS C 34 -3.90 4.68 7.24
N GLY C 35 -2.72 4.05 7.31
CA GLY C 35 -1.69 4.13 6.30
C GLY C 35 -0.38 4.50 6.98
N ASP C 36 0.71 4.62 6.22
CA ASP C 36 2.01 4.96 6.79
C ASP C 36 2.05 6.34 7.44
N VAL C 37 2.66 6.42 8.62
CA VAL C 37 2.87 7.69 9.29
C VAL C 37 4.25 7.67 9.91
N ALA C 38 4.78 8.84 10.28
CA ALA C 38 5.96 8.92 11.10
C ALA C 38 5.52 9.23 12.54
N VAL C 39 6.14 8.57 13.51
CA VAL C 39 5.80 8.79 14.91
C VAL C 39 7.01 9.16 15.72
N LYS C 40 6.99 10.34 16.33
CA LYS C 40 8.05 10.75 17.22
C LYS C 40 7.63 10.70 18.68
N MET C 41 8.18 9.73 19.40
CA MET C 41 7.96 9.56 20.84
C MET C 41 8.77 10.58 21.63
N LEU C 42 8.10 11.42 22.40
CA LEU C 42 8.85 12.41 23.17
C LEU C 42 9.49 11.74 24.39
N ASN C 43 10.61 12.29 24.84
CA ASN C 43 11.42 11.60 25.83
C ASN C 43 10.86 11.63 27.24
N VAL C 44 9.62 12.07 27.40
CA VAL C 44 9.02 12.20 28.72
C VAL C 44 8.06 11.06 29.03
N THR C 45 8.32 10.39 30.16
CA THR C 45 7.56 9.20 30.55
C THR C 45 6.25 9.55 31.27
N ALA C 46 6.35 10.13 32.46
CA ALA C 46 5.15 10.45 33.24
C ALA C 46 4.96 11.96 33.34
N PRO C 47 4.20 12.52 32.39
CA PRO C 47 4.01 13.96 32.23
C PRO C 47 3.00 14.53 33.22
N THR C 48 3.42 15.54 33.99
CA THR C 48 2.48 16.25 34.86
C THR C 48 1.44 16.97 34.02
N PRO C 49 0.18 17.05 34.50
CA PRO C 49 -0.86 17.75 33.73
C PRO C 49 -0.42 19.15 33.34
N GLN C 50 0.54 19.69 34.09
CA GLN C 50 1.17 20.95 33.75
CA GLN C 50 1.18 20.95 33.76
C GLN C 50 1.91 20.88 32.42
N GLN C 51 2.68 19.81 32.22
CA GLN C 51 3.40 19.64 30.96
C GLN C 51 2.42 19.22 29.87
N LEU C 52 1.42 18.43 30.25
CA LEU C 52 0.40 17.99 29.30
C LEU C 52 -0.35 19.17 28.73
N GLN C 53 -0.62 20.16 29.57
CA GLN C 53 -1.34 21.34 29.10
C GLN C 53 -0.42 22.15 28.22
N ALA C 54 0.86 22.19 28.56
CA ALA C 54 1.86 22.91 27.77
C ALA C 54 2.03 22.25 26.41
N PHE C 55 1.89 20.92 26.41
CA PHE C 55 1.95 20.16 25.17
C PHE C 55 0.71 20.46 24.30
N LYS C 56 -0.47 20.49 24.90
CA LYS C 56 -1.69 20.81 24.15
C LYS C 56 -1.60 22.16 23.47
N ASN C 57 -0.96 23.11 24.14
CA ASN C 57 -0.77 24.44 23.58
C ASN C 57 0.13 24.40 22.35
N GLU C 58 1.21 23.63 22.44
CA GLU C 58 2.11 23.44 21.28
C GLU C 58 1.38 22.78 20.13
N VAL C 59 0.62 21.73 20.44
CA VAL C 59 -0.22 21.05 19.47
C VAL C 59 -1.13 22.04 18.74
N GLY C 60 -1.62 23.05 19.44
CA GLY C 60 -2.43 24.07 18.80
C GLY C 60 -1.64 24.83 17.77
N VAL C 61 -0.40 25.13 18.11
CA VAL C 61 0.48 25.81 17.20
C VAL C 61 0.74 24.99 15.93
N LEU C 62 1.00 23.70 16.10
CA LEU C 62 1.32 22.80 14.98
C LEU C 62 0.19 22.61 13.97
N ARG C 63 -1.04 22.52 14.46
CA ARG C 63 -2.21 22.47 13.58
C ARG C 63 -2.25 23.62 12.60
N LYS C 64 -1.71 24.79 12.98
CA LYS C 64 -1.89 25.99 12.16
C LYS C 64 -0.70 26.25 11.26
N THR C 65 0.37 25.50 11.48
CA THR C 65 1.56 25.65 10.65
C THR C 65 1.44 24.69 9.49
N ARG C 66 0.98 25.19 8.35
CA ARG C 66 0.71 24.34 7.20
C ARG C 66 1.25 24.96 5.94
N HIS C 67 1.97 24.13 5.19
CA HIS C 67 2.61 24.54 3.95
C HIS C 67 3.08 23.28 3.22
N VAL C 68 3.11 23.33 1.89
CA VAL C 68 3.46 22.14 1.14
C VAL C 68 4.87 21.65 1.49
N ASN C 69 5.72 22.53 2.01
CA ASN C 69 7.10 22.12 2.31
C ASN C 69 7.47 21.97 3.78
N ILE C 70 6.49 21.78 4.65
CA ILE C 70 6.81 21.42 6.01
C ILE C 70 5.90 20.27 6.34
N LEU C 71 6.34 19.38 7.22
CA LEU C 71 5.53 18.21 7.57
C LEU C 71 4.14 18.61 8.07
N LEU C 72 3.13 17.79 7.76
CA LEU C 72 1.79 18.01 8.28
C LEU C 72 1.58 17.31 9.63
N PHE C 73 1.12 18.06 10.61
CA PHE C 73 0.80 17.51 11.92
C PHE C 73 -0.53 16.80 11.83
N MET C 74 -0.54 15.50 12.09
CA MET C 74 -1.77 14.73 11.91
C MET C 74 -2.45 14.32 13.19
N GLY C 75 -1.73 14.32 14.30
CA GLY C 75 -2.35 13.96 15.54
C GLY C 75 -1.32 13.69 16.60
N TYR C 76 -1.78 13.52 17.84
CA TYR C 76 -0.85 13.24 18.92
C TYR C 76 -1.41 12.10 19.77
N SER C 77 -0.55 11.52 20.59
CA SER C 77 -0.92 10.45 21.52
CA SER C 77 -0.95 10.47 21.53
C SER C 77 -0.48 10.80 22.93
N THR C 78 -1.12 10.20 23.93
CA THR C 78 -0.62 10.29 25.30
C THR C 78 -0.36 8.90 25.84
N LYS C 79 -1.15 7.94 25.38
CA LYS C 79 -1.01 6.54 25.77
C LYS C 79 -0.67 5.69 24.55
N PRO C 80 0.35 4.81 24.65
CA PRO C 80 1.10 4.56 25.89
C PRO C 80 2.12 5.64 26.22
N GLN C 81 2.37 6.59 25.32
CA GLN C 81 3.29 7.67 25.63
C GLN C 81 3.02 8.91 24.81
N LEU C 82 3.66 10.01 25.18
CA LEU C 82 3.53 11.29 24.47
C LEU C 82 4.17 11.18 23.09
N ALA C 83 3.44 11.54 22.03
CA ALA C 83 3.95 11.37 20.67
C ALA C 83 3.31 12.32 19.65
N ILE C 84 4.10 12.69 18.65
CA ILE C 84 3.67 13.50 17.52
C ILE C 84 3.62 12.66 16.23
N VAL C 85 2.49 12.72 15.52
CA VAL C 85 2.30 11.95 14.28
C VAL C 85 2.27 12.92 13.11
N THR C 86 3.01 12.61 12.06
CA THR C 86 3.11 13.43 10.85
C THR C 86 3.07 12.49 9.64
N GLN C 87 3.11 13.03 8.44
CA GLN C 87 3.11 12.09 7.32
C GLN C 87 4.50 11.50 7.18
N TRP C 88 4.53 10.32 6.60
CA TRP C 88 5.78 9.58 6.36
C TRP C 88 6.38 9.99 5.03
N CYS C 89 7.69 10.24 5.02
CA CYS C 89 8.44 10.56 3.81
C CYS C 89 9.31 9.39 3.39
N GLU C 90 8.88 8.67 2.37
CA GLU C 90 9.57 7.47 1.94
C GLU C 90 11.01 7.73 1.49
N GLY C 91 11.29 8.95 1.03
CA GLY C 91 12.65 9.28 0.62
C GLY C 91 13.60 9.56 1.77
N SER C 92 13.14 9.32 2.99
CA SER C 92 13.94 9.54 4.21
C SER C 92 14.52 10.95 4.25
N SER C 93 15.70 11.15 4.82
CA SER C 93 16.21 12.51 4.99
C SER C 93 17.32 12.89 4.01
N LEU C 94 17.49 14.19 3.84
CA LEU C 94 18.57 14.71 3.03
C LEU C 94 19.94 14.29 3.56
N TYR C 95 20.09 14.32 4.88
CA TYR C 95 21.33 13.91 5.50
C TYR C 95 21.66 12.49 5.07
N HIS C 96 20.66 11.64 5.11
CA HIS C 96 20.85 10.25 4.80
C HIS C 96 21.25 9.97 3.35
N HIS C 97 20.66 10.69 2.42
CA HIS C 97 20.99 10.50 1.01
C HIS C 97 22.40 11.02 0.77
N LEU C 98 22.70 12.19 1.32
CA LEU C 98 23.96 12.83 1.04
C LEU C 98 25.12 12.09 1.71
N HIS C 99 24.94 11.67 2.96
CA HIS C 99 26.08 11.25 3.76
C HIS C 99 26.10 9.78 4.11
N ALA C 100 25.03 9.05 3.82
CA ALA C 100 25.01 7.64 4.17
C ALA C 100 24.78 6.77 2.95
N SER C 101 23.89 7.19 2.07
CA SER C 101 23.72 6.42 0.84
C SER C 101 24.60 7.04 -0.22
N GLU C 102 25.06 8.27 0.06
CA GLU C 102 25.83 9.03 -0.92
C GLU C 102 25.14 9.00 -2.27
N THR C 103 23.83 9.21 -2.28
CA THR C 103 23.09 9.29 -3.54
C THR C 103 23.65 10.43 -4.38
N LYS C 104 23.72 10.22 -5.69
CA LYS C 104 24.23 11.27 -6.56
C LYS C 104 23.02 11.97 -7.20
N PHE C 105 22.70 13.17 -6.71
CA PHE C 105 21.66 13.98 -7.31
C PHE C 105 22.27 14.82 -8.43
N GLU C 106 21.55 14.99 -9.53
CA GLU C 106 21.97 15.93 -10.56
C GLU C 106 21.72 17.35 -10.06
N MET C 107 22.38 18.32 -10.67
CA MET C 107 22.37 19.69 -10.16
C MET C 107 20.95 20.26 -10.13
N LYS C 108 20.13 19.89 -11.10
CA LYS C 108 18.77 20.41 -11.16
C LYS C 108 17.96 19.98 -9.94
N LYS C 109 18.19 18.74 -9.52
CA LYS C 109 17.50 18.14 -8.38
C LYS C 109 18.03 18.79 -7.12
N LEU C 110 19.35 18.95 -7.03
CA LEU C 110 19.96 19.58 -5.88
C LEU C 110 19.37 20.97 -5.67
N ILE C 111 19.15 21.67 -6.78
CA ILE C 111 18.65 23.03 -6.72
C ILE C 111 17.17 23.05 -6.42
N ASP C 112 16.44 22.03 -6.89
CA ASP C 112 15.04 21.91 -6.55
C ASP C 112 14.86 21.71 -5.03
N ILE C 113 15.74 20.92 -4.42
CA ILE C 113 15.71 20.67 -2.99
C ILE C 113 16.03 21.94 -2.20
N ALA C 114 16.99 22.70 -2.69
CA ALA C 114 17.34 23.95 -2.02
C ALA C 114 16.17 24.91 -2.12
N ARG C 115 15.45 24.86 -3.23
CA ARG C 115 14.34 25.78 -3.48
C ARG C 115 13.14 25.50 -2.57
N GLN C 116 12.74 24.24 -2.53
CA GLN C 116 11.63 23.82 -1.70
C GLN C 116 11.94 24.05 -0.23
N THR C 117 13.18 23.80 0.17
CA THR C 117 13.55 24.08 1.56
C THR C 117 13.45 25.57 1.85
N ALA C 118 13.86 26.40 0.89
CA ALA C 118 13.76 27.84 1.04
C ALA C 118 12.31 28.28 1.08
N ARG C 119 11.44 27.67 0.26
CA ARG C 119 10.02 27.97 0.33
C ARG C 119 9.48 27.66 1.73
N GLY C 120 9.80 26.47 2.23
CA GLY C 120 9.36 26.02 3.53
C GLY C 120 9.81 26.96 4.61
N MET C 121 11.10 27.32 4.57
CA MET C 121 11.69 28.19 5.56
C MET C 121 11.17 29.62 5.43
N ASP C 122 10.85 30.04 4.22
CA ASP C 122 10.23 31.33 3.99
C ASP C 122 8.85 31.40 4.68
N TYR C 123 8.09 30.32 4.59
CA TYR C 123 6.78 30.27 5.24
C TYR C 123 6.88 30.36 6.76
N LEU C 124 7.80 29.62 7.37
CA LEU C 124 7.93 29.66 8.82
C LEU C 124 8.32 31.06 9.31
N HIS C 125 9.28 31.69 8.64
CA HIS C 125 9.72 33.00 9.11
C HIS C 125 8.62 34.04 8.88
N ALA C 126 7.83 33.85 7.84
CA ALA C 126 6.70 34.75 7.61
C ALA C 126 5.62 34.58 8.71
N LYS C 127 5.60 33.42 9.36
CA LYS C 127 4.71 33.17 10.48
C LYS C 127 5.45 33.46 11.78
N SER C 128 6.61 34.11 11.66
CA SER C 128 7.43 34.54 12.80
C SER C 128 7.93 33.36 13.61
N ILE C 129 8.07 32.21 12.98
CA ILE C 129 8.63 31.06 13.69
C ILE C 129 10.11 30.91 13.43
N ILE C 130 10.86 30.75 14.51
CA ILE C 130 12.28 30.44 14.42
C ILE C 130 12.45 28.93 14.57
N HIS C 131 13.07 28.31 13.57
CA HIS C 131 13.17 26.87 13.58
C HIS C 131 14.14 26.41 14.66
N ARG C 132 15.31 27.04 14.67
CA ARG C 132 16.37 26.79 15.65
C ARG C 132 17.18 25.54 15.42
N ASP C 133 16.68 24.62 14.60
CA ASP C 133 17.40 23.36 14.42
C ASP C 133 17.39 22.86 12.97
N LEU C 134 17.47 23.79 12.02
CA LEU C 134 17.42 23.39 10.62
C LEU C 134 18.70 22.69 10.24
N LYS C 135 18.55 21.50 9.68
CA LYS C 135 19.69 20.75 9.19
C LYS C 135 19.22 19.63 8.28
N SER C 136 20.15 19.00 7.56
CA SER C 136 19.79 17.99 6.59
C SER C 136 19.13 16.78 7.23
N ASN C 137 19.37 16.54 8.51
CA ASN C 137 18.69 15.45 9.22
C ASN C 137 17.19 15.67 9.34
N ASN C 138 16.74 16.91 9.26
CA ASN C 138 15.30 17.14 9.37
C ASN C 138 14.77 17.90 8.15
N ILE C 139 15.40 17.62 7.02
CA ILE C 139 14.81 17.90 5.72
C ILE C 139 14.50 16.59 5.07
N PHE C 140 13.21 16.33 4.89
CA PHE C 140 12.80 15.01 4.50
C PHE C 140 12.30 15.03 3.06
N LEU C 141 12.50 13.92 2.35
CA LEU C 141 12.07 13.82 0.96
C LEU C 141 10.88 12.90 0.86
N HIS C 142 9.74 13.47 0.47
CA HIS C 142 8.53 12.69 0.31
C HIS C 142 8.61 11.85 -0.98
N GLU C 143 7.83 10.79 -1.04
CA GLU C 143 7.81 9.94 -2.23
C GLU C 143 7.43 10.68 -3.51
N ASP C 144 6.64 11.75 -3.39
CA ASP C 144 6.20 12.50 -4.56
C ASP C 144 7.21 13.58 -4.92
N ASN C 145 8.37 13.50 -4.29
CA ASN C 145 9.51 14.39 -4.52
C ASN C 145 9.41 15.79 -3.89
N THR C 146 8.39 16.04 -3.09
CA THR C 146 8.36 17.31 -2.41
C THR C 146 9.23 17.21 -1.15
N VAL C 147 9.90 18.31 -0.81
CA VAL C 147 10.65 18.39 0.42
C VAL C 147 9.75 18.83 1.59
N LYS C 148 9.85 18.14 2.73
CA LYS C 148 9.07 18.47 3.94
C LYS C 148 10.01 18.78 5.09
N ILE C 149 10.02 20.01 5.58
CA ILE C 149 10.82 20.31 6.77
C ILE C 149 10.11 19.85 8.05
N GLY C 150 10.91 19.30 8.97
CA GLY C 150 10.44 18.88 10.29
C GLY C 150 11.32 19.42 11.40
N ASP C 151 11.03 18.96 12.62
CA ASP C 151 11.74 19.36 13.84
C ASP C 151 11.61 20.85 14.19
N PHE C 152 10.59 21.52 13.68
CA PHE C 152 10.41 22.92 14.02
C PHE C 152 9.43 23.11 15.16
N GLY C 153 8.70 22.04 15.50
CA GLY C 153 7.70 22.10 16.55
C GLY C 153 8.34 22.07 17.92
N LEU C 154 7.56 22.37 18.95
CA LEU C 154 8.10 22.46 20.30
C LEU C 154 9.22 23.49 20.31
N ALA C 155 8.95 24.62 19.65
CA ALA C 155 9.95 25.67 19.48
C ALA C 155 10.40 26.21 20.83
N THR C 156 9.43 26.57 21.65
CA THR C 156 9.72 27.14 22.96
C THR C 156 10.48 26.10 23.80
N GLU C 157 11.56 26.57 24.44
CA GLU C 157 12.51 25.79 25.24
C GLU C 157 13.85 25.74 24.52
N SER C 173 25.38 18.18 15.90
CA SER C 173 24.45 19.21 15.44
C SER C 173 25.12 20.58 15.40
N ILE C 174 26.44 20.59 15.59
CA ILE C 174 27.22 21.83 15.60
C ILE C 174 27.54 22.35 14.20
N LEU C 175 27.58 21.44 13.23
CA LEU C 175 27.96 21.79 11.85
C LEU C 175 27.05 22.86 11.25
N TRP C 176 25.84 22.99 11.80
CA TRP C 176 24.84 23.94 11.32
C TRP C 176 24.73 25.07 12.30
N MET C 177 25.57 25.00 13.32
CA MET C 177 25.53 25.99 14.38
C MET C 177 26.25 27.24 13.92
N ALA C 178 25.50 28.32 13.78
CA ALA C 178 26.09 29.62 13.53
C ALA C 178 27.02 29.98 14.68
N PRO C 179 28.07 30.79 14.41
CA PRO C 179 29.06 31.18 15.43
C PRO C 179 28.44 31.96 16.60
N GLU C 180 27.56 32.91 16.28
CA GLU C 180 26.94 33.73 17.30
C GLU C 180 26.04 32.87 18.18
N VAL C 181 25.68 31.70 17.67
CA VAL C 181 24.88 30.75 18.43
C VAL C 181 25.80 29.83 19.24
N ILE C 182 26.91 29.44 18.62
CA ILE C 182 27.81 28.43 19.18
C ILE C 182 28.54 28.91 20.43
N ARG C 183 28.37 30.20 20.76
CA ARG C 183 28.98 30.79 21.94
C ARG C 183 28.02 31.45 22.96
N MET C 184 26.77 31.66 22.58
CA MET C 184 25.79 32.23 23.50
C MET C 184 24.64 31.25 23.72
N GLN C 185 24.92 29.97 23.46
CA GLN C 185 23.94 28.89 23.40
C GLN C 185 22.83 28.96 24.47
N ASP C 186 23.19 29.23 25.72
CA ASP C 186 22.22 29.23 26.81
C ASP C 186 21.67 30.63 27.10
N SER C 187 21.55 31.45 26.06
CA SER C 187 21.17 32.85 26.20
C SER C 187 20.16 33.28 25.13
N ASN C 188 19.37 32.29 24.67
CA ASN C 188 18.31 32.48 23.67
C ASN C 188 18.76 33.30 22.46
N PRO C 189 19.89 32.90 21.85
CA PRO C 189 20.53 33.62 20.74
C PRO C 189 19.87 33.35 19.40
N TYR C 190 18.94 32.39 19.36
CA TYR C 190 18.43 31.92 18.09
C TYR C 190 17.56 32.97 17.44
N SER C 191 17.75 33.13 16.14
CA SER C 191 17.02 34.13 15.38
C SER C 191 16.81 33.65 13.95
N PHE C 192 16.08 34.44 13.17
CA PHE C 192 15.91 34.14 11.77
C PHE C 192 17.26 34.03 11.09
N GLN C 193 18.23 34.82 11.56
CA GLN C 193 19.54 34.88 10.93
C GLN C 193 20.36 33.64 11.21
N SER C 194 20.15 33.04 12.37
CA SER C 194 20.84 31.80 12.72
C SER C 194 20.26 30.65 11.91
N ASP C 195 18.98 30.78 11.56
CA ASP C 195 18.28 29.87 10.67
C ASP C 195 18.92 29.91 9.31
N VAL C 196 19.22 31.12 8.85
CA VAL C 196 19.81 31.30 7.54
C VAL C 196 21.17 30.62 7.46
N TYR C 197 21.99 30.80 8.50
CA TYR C 197 23.29 30.15 8.56
C TYR C 197 23.17 28.64 8.44
N ALA C 198 22.23 28.08 9.20
CA ALA C 198 22.02 26.64 9.18
C ALA C 198 21.65 26.19 7.77
N PHE C 199 20.85 27.01 7.09
CA PHE C 199 20.47 26.76 5.72
C PHE C 199 21.66 26.91 4.77
N GLY C 200 22.54 27.87 5.06
CA GLY C 200 23.73 28.09 4.28
C GLY C 200 24.62 26.87 4.31
N ILE C 201 24.66 26.23 5.48
CA ILE C 201 25.38 24.97 5.62
C ILE C 201 24.71 23.87 4.82
N VAL C 202 23.38 23.87 4.79
CA VAL C 202 22.62 22.89 4.02
C VAL C 202 22.92 23.04 2.53
N LEU C 203 23.06 24.28 2.09
CA LEU C 203 23.47 24.55 0.73
C LEU C 203 24.81 23.91 0.44
N TYR C 204 25.75 24.03 1.40
CA TYR C 204 27.05 23.40 1.30
C TYR C 204 26.93 21.91 1.10
N GLU C 205 26.18 21.27 1.99
CA GLU C 205 25.95 19.84 1.89
C GLU C 205 25.48 19.48 0.50
N LEU C 206 24.59 20.32 -0.01
CA LEU C 206 24.00 20.10 -1.31
C LEU C 206 25.02 20.25 -2.42
N MET C 207 25.84 21.29 -2.33
CA MET C 207 26.69 21.67 -3.45
C MET C 207 27.98 20.86 -3.53
N THR C 208 28.37 20.20 -2.43
CA THR C 208 29.58 19.38 -2.37
C THR C 208 29.29 17.88 -2.38
N GLY C 209 28.17 17.50 -1.77
CA GLY C 209 27.85 16.09 -1.60
C GLY C 209 28.41 15.53 -0.30
N GLN C 210 29.04 16.39 0.50
CA GLN C 210 29.61 15.95 1.78
C GLN C 210 29.43 17.00 2.90
N LEU C 211 29.66 16.55 4.12
CA LEU C 211 29.61 17.39 5.32
C LEU C 211 30.80 18.33 5.38
N PRO C 212 30.64 19.49 6.03
CA PRO C 212 31.79 20.36 6.18
C PRO C 212 32.81 19.72 7.12
N TYR C 213 34.08 20.03 6.94
CA TYR C 213 35.12 19.61 7.89
C TYR C 213 35.41 18.11 7.88
N SER C 214 35.31 17.47 6.73
CA SER C 214 35.62 16.05 6.60
C SER C 214 37.12 15.80 6.85
N ASN C 215 37.88 16.89 6.96
CA ASN C 215 39.33 16.84 7.10
C ASN C 215 39.88 16.91 8.53
N ILE C 216 39.01 17.03 9.53
CA ILE C 216 39.47 17.13 10.92
C ILE C 216 39.32 15.83 11.70
N ASN C 217 38.09 15.34 11.83
CA ASN C 217 37.77 14.13 12.60
C ASN C 217 37.77 14.33 14.11
N ASN C 218 38.32 15.43 14.59
CA ASN C 218 38.36 15.71 16.02
C ASN C 218 37.47 16.88 16.40
N ASP C 220 35.35 18.03 18.47
CA ASP C 220 35.71 18.92 19.58
C ASP C 220 36.71 19.96 19.10
N GLN C 221 37.56 19.54 18.16
CA GLN C 221 38.48 20.44 17.48
C GLN C 221 37.67 21.44 16.64
N ILE C 222 36.67 20.91 15.96
CA ILE C 222 35.83 21.67 15.03
C ILE C 222 35.00 22.77 15.70
N ILE C 223 34.33 22.42 16.80
CA ILE C 223 33.48 23.35 17.52
C ILE C 223 34.25 24.57 17.91
N GLU C 224 35.45 24.31 18.39
CA GLU C 224 36.23 25.33 19.06
C GLU C 224 36.84 26.27 18.03
N MET C 225 37.35 25.71 16.94
CA MET C 225 37.87 26.52 15.86
C MET C 225 36.76 27.31 15.16
N VAL C 226 35.63 26.63 14.91
CA VAL C 226 34.46 27.23 14.25
C VAL C 226 33.76 28.29 15.09
N GLY C 227 33.74 28.09 16.40
CA GLY C 227 33.19 29.09 17.31
C GLY C 227 34.00 30.33 17.06
N ARG C 228 35.32 30.15 17.02
CA ARG C 228 36.27 31.21 16.71
C ARG C 228 36.10 31.53 15.22
N GLY C 229 36.65 32.64 14.77
CA GLY C 229 36.53 32.99 13.36
C GLY C 229 37.52 32.29 12.46
N SER C 230 38.14 31.21 12.93
CA SER C 230 39.21 30.56 12.19
C SER C 230 38.85 29.29 11.42
N LEU C 231 37.61 28.82 11.49
CA LEU C 231 37.25 27.60 10.76
C LEU C 231 35.95 27.71 9.96
N SER C 232 36.01 27.41 8.67
CA SER C 232 34.84 27.46 7.78
C SER C 232 34.92 26.41 6.65
N PRO C 233 33.78 26.13 6.02
CA PRO C 233 33.64 25.12 4.96
C PRO C 233 34.54 25.33 3.74
N ASP C 234 35.13 24.25 3.23
CA ASP C 234 35.99 24.31 2.05
C ASP C 234 35.17 24.39 0.77
N LEU C 235 35.09 25.60 0.20
CA LEU C 235 34.25 25.79 -0.97
C LEU C 235 34.85 25.15 -2.23
N SER C 236 36.11 24.74 -2.16
CA SER C 236 36.75 24.10 -3.31
C SER C 236 36.17 22.71 -3.53
N LYS C 237 35.51 22.18 -2.49
CA LYS C 237 34.90 20.86 -2.59
C LYS C 237 33.56 20.97 -3.30
N VAL C 238 33.16 22.22 -3.59
CA VAL C 238 31.92 22.50 -4.32
C VAL C 238 32.01 22.00 -5.74
N ARG C 239 30.94 21.37 -6.23
CA ARG C 239 30.94 20.90 -7.61
C ARG C 239 31.23 22.04 -8.57
N SER C 240 31.86 21.67 -9.69
CA SER C 240 32.25 22.62 -10.71
C SER C 240 31.01 23.16 -11.42
N ASN C 241 29.96 22.34 -11.51
CA ASN C 241 28.72 22.78 -12.15
C ASN C 241 27.76 23.45 -11.16
N CYS C 242 28.27 23.86 -10.01
CA CYS C 242 27.49 24.66 -9.08
C CYS C 242 27.39 26.06 -9.65
N PRO C 243 26.16 26.52 -9.94
CA PRO C 243 25.98 27.86 -10.49
C PRO C 243 26.74 28.88 -9.68
N LYS C 244 27.29 29.87 -10.36
CA LYS C 244 28.07 30.91 -9.71
C LYS C 244 27.22 31.72 -8.72
N ARG C 245 25.95 31.94 -9.06
CA ARG C 245 25.03 32.68 -8.20
C ARG C 245 24.79 31.94 -6.88
N MET C 246 24.75 30.62 -6.95
CA MET C 246 24.52 29.81 -5.77
C MET C 246 25.67 29.95 -4.77
N LYS C 247 26.90 29.93 -5.26
CA LYS C 247 28.08 30.09 -4.41
C LYS C 247 27.99 31.39 -3.63
N ARG C 248 27.55 32.44 -4.32
CA ARG C 248 27.42 33.75 -3.72
C ARG C 248 26.37 33.78 -2.62
N LEU C 249 25.21 33.18 -2.90
CA LEU C 249 24.12 33.12 -1.94
C LEU C 249 24.57 32.33 -0.72
N MET C 250 25.23 31.21 -0.99
CA MET C 250 25.79 30.38 0.05
C MET C 250 26.77 31.21 0.91
N ALA C 251 27.56 32.03 0.26
CA ALA C 251 28.51 32.90 0.93
C ALA C 251 27.81 33.94 1.80
N GLU C 252 26.66 34.43 1.34
CA GLU C 252 25.87 35.37 2.13
C GLU C 252 25.38 34.69 3.39
N CYS C 253 24.83 33.50 3.24
CA CYS C 253 24.21 32.78 4.34
C CYS C 253 25.23 32.39 5.42
N LEU C 254 26.49 32.23 5.02
CA LEU C 254 27.51 31.77 5.95
C LEU C 254 28.31 32.93 6.54
N LYS C 255 27.85 34.15 6.29
CA LYS C 255 28.48 35.33 6.86
C LYS C 255 28.51 35.26 8.39
N LYS C 256 29.66 35.63 8.96
CA LYS C 256 29.83 35.58 10.41
C LYS C 256 29.01 36.64 11.14
N LYS C 257 28.90 37.83 10.56
CA LYS C 257 28.11 38.86 11.22
C LYS C 257 26.65 38.74 10.80
N ARG C 258 25.82 38.35 11.76
CA ARG C 258 24.47 37.90 11.50
C ARG C 258 23.56 38.90 10.77
N ASP C 259 23.76 40.21 10.98
CA ASP C 259 22.92 41.20 10.32
C ASP C 259 23.33 41.41 8.87
N GLU C 260 24.42 40.78 8.46
CA GLU C 260 24.88 40.86 7.09
C GLU C 260 24.28 39.74 6.23
N ARG C 261 23.59 38.80 6.88
CA ARG C 261 22.93 37.71 6.17
C ARG C 261 21.62 38.15 5.55
N PRO C 262 21.31 37.59 4.37
CA PRO C 262 20.05 37.87 3.67
C PRO C 262 18.88 37.23 4.40
N SER C 263 17.67 37.69 4.09
CA SER C 263 16.48 37.10 4.64
C SER C 263 15.95 36.06 3.65
N PHE C 264 14.99 35.26 4.07
CA PHE C 264 14.52 34.14 3.24
C PHE C 264 13.69 34.58 2.05
N PRO C 265 12.96 35.70 2.19
CA PRO C 265 12.33 36.17 0.95
C PRO C 265 13.36 36.43 -0.15
N ARG C 266 14.49 37.04 0.21
CA ARG C 266 15.54 37.34 -0.77
C ARG C 266 16.19 36.04 -1.20
N ILE C 267 16.50 35.18 -0.23
CA ILE C 267 17.07 33.86 -0.50
C ILE C 267 16.23 33.04 -1.46
N LEU C 268 14.91 33.01 -1.23
CA LEU C 268 14.02 32.25 -2.09
C LEU C 268 14.01 32.82 -3.51
N ALA C 269 13.89 34.15 -3.60
CA ALA C 269 13.90 34.83 -4.89
C ALA C 269 15.14 34.49 -5.69
N GLU C 270 16.28 34.53 -5.02
CA GLU C 270 17.56 34.26 -5.67
C GLU C 270 17.65 32.83 -6.22
N ILE C 271 17.10 31.85 -5.50
CA ILE C 271 17.14 30.47 -5.95
C ILE C 271 16.13 30.19 -7.05
N GLU C 272 14.97 30.86 -6.96
CA GLU C 272 13.93 30.74 -7.96
C GLU C 272 14.45 31.12 -9.34
N GLU C 273 15.08 32.29 -9.41
CA GLU C 273 15.55 32.83 -10.69
C GLU C 273 16.68 31.98 -11.25
N LEU C 274 17.70 31.73 -10.45
CA LEU C 274 18.82 30.90 -10.88
C LEU C 274 18.35 29.52 -11.32
N ALA C 275 17.17 29.11 -10.83
CA ALA C 275 16.60 27.82 -11.22
C ALA C 275 16.05 27.92 -12.64
N ARG C 276 15.63 29.13 -13.02
CA ARG C 276 15.17 29.42 -14.37
C ARG C 276 16.37 29.40 -15.33
N GLU C 277 17.47 30.01 -14.88
CA GLU C 277 18.74 29.94 -15.61
C GLU C 277 19.22 28.50 -15.82
N LEU C 278 18.45 27.55 -15.30
CA LEU C 278 18.70 26.13 -15.54
C LEU C 278 17.57 25.57 -16.40
N SER C 279 17.45 26.12 -17.60
CA SER C 279 16.40 25.78 -18.55
C SER C 279 16.35 26.85 -19.62
N GLY D 1 7.87 -25.98 -15.97
CA GLY D 1 8.10 -25.86 -17.39
C GLY D 1 8.81 -24.55 -17.67
N SER D 2 8.98 -23.75 -16.63
CA SER D 2 9.54 -22.43 -16.82
C SER D 2 11.03 -22.54 -17.04
N GLU D 3 11.59 -21.58 -17.75
CA GLU D 3 13.01 -21.56 -18.01
C GLU D 3 13.58 -20.22 -17.56
N PHE D 4 14.90 -20.16 -17.47
CA PHE D 4 15.59 -18.96 -17.07
C PHE D 4 15.05 -17.63 -17.64
N ASP D 5 14.72 -17.58 -18.92
CA ASP D 5 14.29 -16.32 -19.51
C ASP D 5 12.97 -15.81 -18.89
N ASP D 6 12.18 -16.73 -18.36
CA ASP D 6 10.85 -16.45 -17.84
C ASP D 6 10.92 -15.71 -16.50
N TRP D 7 12.03 -15.89 -15.82
CA TRP D 7 12.23 -15.34 -14.51
C TRP D 7 12.82 -13.95 -14.59
N GLU D 8 12.95 -13.41 -15.79
CA GLU D 8 13.30 -12.02 -15.90
C GLU D 8 12.08 -11.16 -15.56
N ILE D 9 12.25 -10.19 -14.67
CA ILE D 9 11.17 -9.22 -14.42
C ILE D 9 11.33 -8.15 -15.47
N PRO D 10 10.33 -7.99 -16.37
CA PRO D 10 10.48 -7.04 -17.50
C PRO D 10 10.93 -5.65 -17.08
N ASP D 11 11.75 -5.01 -17.91
CA ASP D 11 12.28 -3.70 -17.58
C ASP D 11 11.13 -2.69 -17.40
N GLY D 12 11.22 -1.86 -16.36
CA GLY D 12 10.23 -0.81 -16.16
C GLY D 12 9.15 -1.17 -15.16
N GLN D 13 9.08 -2.44 -14.78
CA GLN D 13 8.06 -2.87 -13.84
C GLN D 13 8.51 -2.72 -12.40
N ILE D 14 9.81 -2.58 -12.19
CA ILE D 14 10.33 -2.35 -10.86
C ILE D 14 10.91 -0.97 -10.71
N THR D 15 10.40 -0.23 -9.73
CA THR D 15 10.97 1.06 -9.36
C THR D 15 11.91 0.83 -8.19
N VAL D 16 13.19 1.12 -8.40
CA VAL D 16 14.16 0.99 -7.35
C VAL D 16 14.08 2.23 -6.45
N GLY D 17 14.15 2.02 -5.14
CA GLY D 17 13.98 3.12 -4.20
C GLY D 17 15.13 3.19 -3.21
N GLN D 18 14.78 3.28 -1.94
CA GLN D 18 15.73 3.50 -0.86
C GLN D 18 16.84 2.43 -0.81
N ARG D 19 18.09 2.86 -0.91
CA ARG D 19 19.21 1.96 -0.62
C ARG D 19 19.22 1.58 0.85
N ILE D 20 19.56 0.33 1.14
CA ILE D 20 19.50 -0.19 2.49
C ILE D 20 20.88 -0.53 3.04
N GLY D 21 21.77 -1.00 2.18
CA GLY D 21 23.08 -1.44 2.60
C GLY D 21 23.68 -2.55 1.75
N SER D 22 24.75 -3.17 2.24
CA SER D 22 25.47 -4.14 1.44
C SER D 22 25.19 -5.57 1.89
N GLY D 23 25.14 -6.48 0.92
CA GLY D 23 25.02 -7.90 1.21
C GLY D 23 25.97 -8.64 0.29
N SER D 24 25.94 -9.96 0.36
CA SER D 24 26.82 -10.78 -0.48
C SER D 24 26.65 -10.44 -1.96
N PHE D 25 27.76 -10.11 -2.59
CA PHE D 25 27.84 -9.92 -4.05
C PHE D 25 27.16 -8.65 -4.57
N GLY D 26 26.61 -7.83 -3.67
CA GLY D 26 26.03 -6.55 -4.07
C GLY D 26 25.36 -5.65 -3.05
N THR D 27 24.68 -4.64 -3.56
CA THR D 27 23.97 -3.65 -2.77
C THR D 27 22.45 -3.86 -2.75
N VAL D 28 21.89 -3.98 -1.56
CA VAL D 28 20.46 -4.18 -1.37
C VAL D 28 19.69 -2.89 -1.36
N TYR D 29 18.62 -2.85 -2.15
CA TYR D 29 17.72 -1.71 -2.24
C TYR D 29 16.30 -2.11 -1.96
N LYS D 30 15.50 -1.19 -1.42
CA LYS D 30 14.06 -1.40 -1.40
C LYS D 30 13.52 -1.05 -2.78
N GLY D 31 12.43 -1.67 -3.20
CA GLY D 31 11.90 -1.34 -4.50
C GLY D 31 10.43 -1.60 -4.58
N LYS D 32 9.83 -1.20 -5.68
CA LYS D 32 8.41 -1.40 -5.87
C LYS D 32 8.15 -2.18 -7.16
N TRP D 33 7.55 -3.36 -7.05
CA TRP D 33 7.02 -4.10 -8.21
C TRP D 33 5.49 -3.94 -8.14
N HIS D 34 4.72 -5.01 -8.14
CA HIS D 34 3.30 -4.84 -7.88
C HIS D 34 3.07 -4.53 -6.40
N GLY D 35 4.02 -4.98 -5.57
CA GLY D 35 4.06 -4.72 -4.14
C GLY D 35 5.51 -4.35 -3.80
N ASP D 36 5.82 -4.24 -2.51
CA ASP D 36 7.21 -4.01 -2.11
C ASP D 36 8.08 -5.21 -2.42
N VAL D 37 9.34 -4.97 -2.78
CA VAL D 37 10.33 -6.03 -3.01
C VAL D 37 11.67 -5.56 -2.48
N ALA D 38 12.59 -6.49 -2.27
CA ALA D 38 13.99 -6.15 -2.09
C ALA D 38 14.70 -6.38 -3.40
N VAL D 39 15.62 -5.48 -3.75
CA VAL D 39 16.43 -5.64 -4.95
C VAL D 39 17.89 -5.65 -4.58
N LYS D 40 18.62 -6.69 -4.93
CA LYS D 40 20.05 -6.71 -4.70
C LYS D 40 20.78 -6.55 -6.03
N MET D 41 21.37 -5.40 -6.24
CA MET D 41 22.21 -5.14 -7.41
C MET D 41 23.53 -5.87 -7.29
N LEU D 42 23.81 -6.75 -8.25
CA LEU D 42 25.04 -7.49 -8.23
C LEU D 42 26.15 -6.65 -8.82
N ASN D 43 27.37 -6.78 -8.30
CA ASN D 43 28.50 -5.99 -8.77
C ASN D 43 29.01 -6.43 -10.15
N VAL D 44 28.12 -6.95 -10.99
CA VAL D 44 28.49 -7.37 -12.34
C VAL D 44 28.13 -6.30 -13.37
N PRO D 47 29.32 -8.51 -19.39
CA PRO D 47 29.32 -9.77 -18.62
C PRO D 47 29.35 -11.01 -19.52
N THR D 48 30.43 -11.78 -19.42
CA THR D 48 30.68 -12.94 -20.28
C THR D 48 29.63 -14.06 -20.23
N PRO D 49 29.38 -14.69 -21.38
CA PRO D 49 28.46 -15.84 -21.47
C PRO D 49 28.82 -16.95 -20.47
N GLN D 50 30.01 -16.90 -19.91
CA GLN D 50 30.43 -17.86 -18.89
C GLN D 50 29.86 -17.49 -17.52
N GLN D 51 29.95 -16.22 -17.16
CA GLN D 51 29.42 -15.77 -15.88
C GLN D 51 27.90 -15.55 -15.95
N LEU D 52 27.39 -15.34 -17.16
CA LEU D 52 25.96 -15.32 -17.36
C LEU D 52 25.36 -16.72 -17.17
N GLN D 53 26.09 -17.77 -17.54
CA GLN D 53 25.56 -19.11 -17.39
C GLN D 53 25.72 -19.54 -15.94
N ALA D 54 26.73 -19.00 -15.28
CA ALA D 54 26.87 -19.21 -13.84
C ALA D 54 25.69 -18.52 -13.13
N PHE D 55 25.27 -17.37 -13.62
CA PHE D 55 24.10 -16.68 -13.04
C PHE D 55 22.84 -17.47 -13.35
N LYS D 56 22.74 -18.06 -14.54
CA LYS D 56 21.64 -18.98 -14.83
C LYS D 56 21.65 -20.14 -13.85
N ASN D 57 22.84 -20.67 -13.56
CA ASN D 57 22.91 -21.87 -12.71
C ASN D 57 22.41 -21.56 -11.31
N GLU D 58 22.90 -20.47 -10.73
CA GLU D 58 22.49 -20.06 -9.37
C GLU D 58 21.00 -19.76 -9.27
N VAL D 59 20.47 -18.99 -10.22
CA VAL D 59 19.03 -18.72 -10.29
C VAL D 59 18.23 -20.02 -10.31
N GLY D 60 18.72 -21.01 -11.04
CA GLY D 60 18.09 -22.31 -11.07
C GLY D 60 17.98 -22.93 -9.69
N VAL D 61 19.05 -22.84 -8.93
CA VAL D 61 18.97 -23.25 -7.52
C VAL D 61 17.98 -22.39 -6.72
N LEU D 62 18.05 -21.05 -6.86
CA LEU D 62 17.15 -20.14 -6.10
C LEU D 62 15.70 -20.47 -6.31
N ARG D 63 15.35 -20.73 -7.56
CA ARG D 63 14.01 -21.15 -7.95
C ARG D 63 13.45 -22.37 -7.24
N LYS D 64 14.32 -23.36 -6.98
CA LYS D 64 13.91 -24.65 -6.40
C LYS D 64 14.02 -24.64 -4.90
N THR D 65 14.67 -23.62 -4.37
CA THR D 65 14.98 -23.62 -2.95
C THR D 65 13.94 -22.82 -2.22
N ARG D 66 13.03 -23.54 -1.56
CA ARG D 66 11.83 -22.92 -0.98
C ARG D 66 11.42 -23.45 0.40
N HIS D 67 11.00 -22.52 1.26
CA HIS D 67 10.64 -22.82 2.63
C HIS D 67 10.10 -21.55 3.29
N VAL D 68 9.13 -21.68 4.19
CA VAL D 68 8.49 -20.50 4.78
C VAL D 68 9.51 -19.64 5.54
N ASN D 69 10.66 -20.21 5.89
CA ASN D 69 11.64 -19.45 6.64
C ASN D 69 12.88 -19.00 5.89
N ILE D 70 12.82 -18.97 4.57
CA ILE D 70 13.92 -18.37 3.82
C ILE D 70 13.26 -17.46 2.81
N LEU D 71 13.97 -16.42 2.35
CA LEU D 71 13.44 -15.44 1.40
C LEU D 71 12.99 -16.10 0.09
N LEU D 72 11.86 -15.65 -0.44
CA LEU D 72 11.39 -16.15 -1.73
C LEU D 72 12.04 -15.40 -2.89
N PHE D 73 12.63 -16.16 -3.83
CA PHE D 73 13.18 -15.57 -5.04
C PHE D 73 12.03 -15.21 -5.98
N MET D 74 11.96 -13.94 -6.38
CA MET D 74 10.87 -13.52 -7.25
C MET D 74 11.30 -13.23 -8.68
N GLY D 75 12.60 -13.14 -8.94
CA GLY D 75 13.00 -12.87 -10.30
C GLY D 75 14.29 -12.13 -10.38
N TYR D 76 14.67 -11.74 -11.58
CA TYR D 76 15.90 -10.97 -11.69
C TYR D 76 15.66 -9.88 -12.70
N SER D 77 16.50 -8.86 -12.59
CA SER D 77 16.47 -7.77 -13.53
CA SER D 77 16.47 -7.75 -13.51
C SER D 77 17.81 -7.71 -14.21
N THR D 78 17.85 -7.02 -15.33
CA THR D 78 19.03 -6.99 -16.18
C THR D 78 19.56 -5.58 -16.34
N LYS D 79 18.66 -4.60 -16.27
CA LYS D 79 19.02 -3.21 -16.49
C LYS D 79 18.83 -2.38 -15.21
N PRO D 80 19.83 -1.56 -14.86
CA PRO D 80 21.07 -1.34 -15.63
C PRO D 80 22.11 -2.42 -15.37
N GLN D 81 21.72 -3.45 -14.64
CA GLN D 81 22.66 -4.29 -13.94
C GLN D 81 21.98 -5.59 -13.52
N LEU D 82 22.75 -6.63 -13.24
CA LEU D 82 22.11 -7.87 -12.81
C LEU D 82 21.65 -7.68 -11.39
N ALA D 83 20.38 -8.01 -11.13
CA ALA D 83 19.86 -7.92 -9.78
C ALA D 83 18.97 -9.11 -9.44
N ILE D 84 19.05 -9.51 -8.17
CA ILE D 84 18.19 -10.51 -7.58
C ILE D 84 17.02 -9.89 -6.82
N VAL D 85 15.79 -10.27 -7.15
CA VAL D 85 14.62 -9.70 -6.51
C VAL D 85 13.98 -10.75 -5.62
N THR D 86 13.65 -10.34 -4.40
CA THR D 86 12.99 -11.15 -3.39
C THR D 86 11.87 -10.32 -2.72
N GLN D 87 11.10 -10.96 -1.85
CA GLN D 87 10.07 -10.29 -1.05
C GLN D 87 10.67 -9.35 0.00
N TRP D 88 9.95 -8.28 0.29
CA TRP D 88 10.40 -7.28 1.23
C TRP D 88 9.99 -7.70 2.63
N CYS D 89 10.91 -7.60 3.59
CA CYS D 89 10.56 -7.86 4.99
C CYS D 89 10.48 -6.53 5.74
N GLU D 90 9.26 -6.09 6.04
CA GLU D 90 9.02 -4.79 6.69
C GLU D 90 9.65 -4.74 8.09
N GLY D 91 9.78 -5.90 8.75
CA GLY D 91 10.42 -5.93 10.06
C GLY D 91 11.91 -5.67 10.04
N SER D 92 12.47 -5.43 8.86
CA SER D 92 13.92 -5.35 8.70
C SER D 92 14.64 -6.62 9.24
N SER D 93 15.90 -6.47 9.65
CA SER D 93 16.67 -7.61 10.15
C SER D 93 16.64 -7.75 11.67
N LEU D 94 16.87 -8.97 12.17
CA LEU D 94 17.05 -9.21 13.59
C LEU D 94 18.18 -8.37 14.17
N TYR D 95 19.28 -8.25 13.42
CA TYR D 95 20.36 -7.36 13.84
C TYR D 95 19.85 -5.96 14.18
N HIS D 96 19.14 -5.33 13.24
CA HIS D 96 18.65 -3.97 13.46
C HIS D 96 17.81 -3.92 14.74
N HIS D 97 16.95 -4.91 14.94
CA HIS D 97 16.14 -4.93 16.14
C HIS D 97 16.99 -5.03 17.41
N LEU D 98 17.90 -6.00 17.46
CA LEU D 98 18.63 -6.28 18.68
C LEU D 98 19.69 -5.23 18.96
N HIS D 99 20.39 -4.78 17.93
CA HIS D 99 21.62 -4.02 18.13
C HIS D 99 21.60 -2.56 17.66
N ALA D 100 20.46 -2.10 17.13
CA ALA D 100 20.35 -0.69 16.77
C ALA D 100 19.12 -0.11 17.45
N SER D 101 18.04 -0.86 17.44
CA SER D 101 16.78 -0.41 18.02
C SER D 101 16.70 -0.84 19.46
N GLU D 102 17.49 -1.86 19.79
CA GLU D 102 17.41 -2.55 21.06
C GLU D 102 15.95 -2.81 21.41
N THR D 103 15.22 -3.23 20.38
CA THR D 103 13.86 -3.70 20.53
C THR D 103 13.79 -4.67 21.70
N LYS D 104 12.72 -4.58 22.47
CA LYS D 104 12.54 -5.46 23.61
C LYS D 104 11.63 -6.61 23.23
N PHE D 105 12.25 -7.71 22.80
CA PHE D 105 11.53 -8.96 22.63
C PHE D 105 11.40 -9.64 23.98
N GLU D 106 10.24 -10.21 24.22
CA GLU D 106 10.02 -11.13 25.33
C GLU D 106 10.67 -12.48 25.00
N MET D 107 10.87 -13.32 26.02
CA MET D 107 11.61 -14.56 25.83
C MET D 107 10.89 -15.51 24.88
N LYS D 108 9.56 -15.56 24.94
CA LYS D 108 8.80 -16.44 24.06
C LYS D 108 9.03 -16.10 22.57
N LYS D 109 9.08 -14.81 22.28
CA LYS D 109 9.34 -14.32 20.92
C LYS D 109 10.77 -14.65 20.51
N LEU D 110 11.71 -14.49 21.44
CA LEU D 110 13.12 -14.73 21.17
C LEU D 110 13.36 -16.18 20.78
N ILE D 111 12.59 -17.06 21.42
CA ILE D 111 12.67 -18.48 21.17
C ILE D 111 11.98 -18.85 19.86
N ASP D 112 10.89 -18.16 19.53
CA ASP D 112 10.17 -18.44 18.30
C ASP D 112 11.02 -18.10 17.10
N ILE D 113 11.72 -16.98 17.20
CA ILE D 113 12.67 -16.57 16.21
C ILE D 113 13.81 -17.60 16.07
N ALA D 114 14.24 -18.17 17.18
CA ALA D 114 15.39 -19.07 17.09
C ALA D 114 14.91 -20.32 16.43
N ARG D 115 13.71 -20.76 16.80
CA ARG D 115 13.12 -21.95 16.22
C ARG D 115 12.98 -21.83 14.71
N GLN D 116 12.46 -20.68 14.28
CA GLN D 116 12.18 -20.42 12.88
C GLN D 116 13.48 -20.34 12.10
N THR D 117 14.49 -19.72 12.68
CA THR D 117 15.78 -19.68 12.05
C THR D 117 16.32 -21.12 11.89
N ALA D 118 16.09 -21.95 12.91
CA ALA D 118 16.53 -23.32 12.89
C ALA D 118 15.84 -24.09 11.80
N ARG D 119 14.53 -23.88 11.65
CA ARG D 119 13.75 -24.55 10.62
C ARG D 119 14.30 -24.22 9.23
N GLY D 120 14.50 -22.93 8.99
CA GLY D 120 15.14 -22.43 7.79
C GLY D 120 16.48 -23.08 7.49
N MET D 121 17.43 -22.98 8.42
CA MET D 121 18.77 -23.55 8.24
C MET D 121 18.74 -25.05 8.04
N ASP D 122 17.80 -25.68 8.74
CA ASP D 122 17.54 -27.10 8.59
C ASP D 122 17.15 -27.46 7.16
N TYR D 123 16.23 -26.69 6.60
CA TYR D 123 15.81 -26.89 5.23
C TYR D 123 16.98 -26.70 4.26
N LEU D 124 17.78 -25.65 4.49
CA LEU D 124 18.96 -25.40 3.69
C LEU D 124 19.96 -26.55 3.75
N HIS D 125 20.10 -27.15 4.92
CA HIS D 125 21.09 -28.18 5.07
C HIS D 125 20.58 -29.49 4.49
N ALA D 126 19.28 -29.70 4.49
CA ALA D 126 18.68 -30.86 3.83
C ALA D 126 18.82 -30.77 2.31
N LYS D 127 18.98 -29.57 1.79
CA LYS D 127 19.28 -29.39 0.37
C LYS D 127 20.79 -29.25 0.17
N SER D 128 21.54 -29.62 1.20
CA SER D 128 22.99 -29.65 1.13
C SER D 128 23.58 -28.29 0.78
N ILE D 129 22.87 -27.22 1.15
CA ILE D 129 23.39 -25.87 0.96
C ILE D 129 24.06 -25.35 2.21
N ILE D 130 25.25 -24.81 2.06
CA ILE D 130 25.98 -24.28 3.18
C ILE D 130 25.91 -22.77 3.05
N HIS D 131 25.41 -22.13 4.09
CA HIS D 131 25.06 -20.73 3.99
C HIS D 131 26.33 -19.90 3.91
N ARG D 132 27.25 -20.17 4.83
CA ARG D 132 28.58 -19.55 4.86
C ARG D 132 28.62 -18.13 5.43
N ASP D 133 27.47 -17.47 5.56
CA ASP D 133 27.44 -16.08 6.04
C ASP D 133 26.25 -15.80 6.99
N LEU D 134 25.79 -16.81 7.71
CA LEU D 134 24.62 -16.64 8.56
C LEU D 134 24.95 -15.68 9.69
N LYS D 135 24.13 -14.64 9.85
CA LYS D 135 24.28 -13.68 10.94
C LYS D 135 23.00 -12.89 11.09
N SER D 136 22.85 -12.18 12.22
CA SER D 136 21.59 -11.46 12.50
C SER D 136 21.25 -10.45 11.40
N ASN D 137 22.28 -9.90 10.76
CA ASN D 137 22.08 -9.00 9.63
C ASN D 137 21.39 -9.60 8.43
N ASN D 138 21.35 -10.92 8.30
CA ASN D 138 20.60 -11.45 7.17
C ASN D 138 19.61 -12.49 7.63
N ILE D 139 19.08 -12.25 8.82
CA ILE D 139 17.87 -12.90 9.29
C ILE D 139 16.83 -11.82 9.37
N PHE D 140 15.72 -11.99 8.64
CA PHE D 140 14.80 -10.89 8.43
C PHE D 140 13.45 -11.25 9.03
N LEU D 141 12.72 -10.22 9.41
CA LEU D 141 11.41 -10.36 10.01
C LEU D 141 10.37 -9.78 9.05
N HIS D 142 9.50 -10.66 8.56
CA HIS D 142 8.43 -10.28 7.67
C HIS D 142 7.35 -9.56 8.46
N GLU D 143 6.59 -8.73 7.78
CA GLU D 143 5.50 -8.04 8.43
C GLU D 143 4.56 -9.04 9.08
N ASP D 144 4.54 -10.27 8.60
CA ASP D 144 3.60 -11.23 9.16
C ASP D 144 4.20 -12.00 10.33
N ASN D 145 5.36 -11.54 10.80
CA ASN D 145 6.08 -12.13 11.95
C ASN D 145 6.83 -13.45 11.68
N THR D 146 6.90 -13.90 10.42
CA THR D 146 7.73 -15.07 10.13
C THR D 146 9.18 -14.64 9.94
N VAL D 147 10.11 -15.53 10.25
CA VAL D 147 11.51 -15.25 9.98
C VAL D 147 11.83 -15.69 8.54
N LYS D 148 12.63 -14.88 7.84
CA LYS D 148 13.06 -15.14 6.47
C LYS D 148 14.55 -15.09 6.45
N ILE D 149 15.22 -16.23 6.24
CA ILE D 149 16.68 -16.18 6.07
C ILE D 149 17.02 -15.74 4.65
N GLY D 150 18.04 -14.89 4.54
CA GLY D 150 18.56 -14.51 3.24
C GLY D 150 20.08 -14.60 3.14
N ASP D 151 20.62 -14.15 2.02
CA ASP D 151 22.05 -14.30 1.70
C ASP D 151 22.53 -15.78 1.59
N PHE D 152 21.60 -16.71 1.38
CA PHE D 152 22.01 -18.11 1.21
C PHE D 152 22.27 -18.47 -0.27
N GLY D 153 21.94 -17.55 -1.17
CA GLY D 153 22.07 -17.80 -2.60
C GLY D 153 23.49 -17.70 -3.11
N LEU D 154 23.71 -18.12 -4.36
CA LEU D 154 25.02 -18.06 -4.97
C LEU D 154 26.04 -18.86 -4.17
N ALA D 155 25.63 -20.03 -3.67
CA ALA D 155 26.46 -20.86 -2.82
C ALA D 155 27.74 -21.29 -3.53
N THR D 156 27.58 -21.73 -4.78
CA THR D 156 28.71 -22.20 -5.57
C THR D 156 29.64 -21.05 -5.92
N GLU D 157 29.02 -19.92 -6.28
CA GLU D 157 29.77 -18.75 -6.71
C GLU D 157 30.77 -18.30 -5.64
N LYS D 158 30.46 -18.58 -4.38
CA LYS D 158 31.39 -18.33 -3.27
C LYS D 158 32.60 -19.28 -3.33
N SER D 159 33.06 -19.59 -4.56
CA SER D 159 34.22 -20.44 -4.87
C SER D 159 34.36 -21.65 -3.96
N SER D 171 37.07 -8.91 5.28
CA SER D 171 36.95 -7.82 6.25
C SER D 171 36.10 -8.20 7.46
N GLY D 172 35.04 -7.43 7.71
CA GLY D 172 34.24 -7.55 8.92
C GLY D 172 33.41 -8.81 9.00
N SER D 173 32.39 -8.79 9.86
CA SER D 173 31.49 -9.94 10.05
C SER D 173 32.22 -11.12 10.67
N ILE D 174 33.27 -10.82 11.43
CA ILE D 174 34.08 -11.86 12.04
C ILE D 174 33.39 -12.51 13.24
N LEU D 175 32.41 -11.81 13.80
CA LEU D 175 31.82 -12.24 15.07
C LEU D 175 31.10 -13.58 14.98
N TRP D 176 30.77 -14.02 13.76
CA TRP D 176 30.00 -15.26 13.55
C TRP D 176 30.84 -16.39 12.95
N MET D 177 32.13 -16.14 12.78
CA MET D 177 33.03 -17.09 12.12
C MET D 177 33.58 -18.16 13.07
N ALA D 178 33.22 -19.42 12.84
CA ALA D 178 33.81 -20.53 13.59
C ALA D 178 35.34 -20.43 13.55
N PRO D 179 36.00 -20.95 14.60
CA PRO D 179 37.47 -20.91 14.72
C PRO D 179 38.17 -21.47 13.48
N GLU D 180 37.72 -22.62 12.98
CA GLU D 180 38.31 -23.24 11.80
C GLU D 180 38.09 -22.40 10.55
N VAL D 181 37.13 -21.49 10.61
CA VAL D 181 36.90 -20.57 9.51
C VAL D 181 37.88 -19.42 9.62
N ILE D 182 37.97 -18.86 10.82
CA ILE D 182 38.69 -17.62 11.05
C ILE D 182 40.20 -17.77 10.94
N ARG D 183 40.67 -19.00 10.74
CA ARG D 183 42.10 -19.28 10.76
C ARG D 183 42.62 -20.00 9.51
N MET D 184 41.72 -20.32 8.58
CA MET D 184 42.14 -21.02 7.36
C MET D 184 41.82 -20.23 6.09
N ASN D 188 38.89 -23.23 1.87
CA ASN D 188 37.62 -23.94 2.00
C ASN D 188 37.33 -24.51 3.39
N PRO D 189 37.37 -23.65 4.43
CA PRO D 189 37.10 -24.06 5.81
C PRO D 189 35.61 -24.18 6.13
N TYR D 190 34.75 -23.93 5.15
CA TYR D 190 33.29 -23.87 5.41
C TYR D 190 32.64 -25.23 5.36
N SER D 191 31.73 -25.47 6.29
CA SER D 191 31.02 -26.74 6.39
C SER D 191 29.64 -26.54 6.99
N PHE D 192 28.84 -27.59 7.02
CA PHE D 192 27.56 -27.51 7.70
C PHE D 192 27.78 -27.13 9.15
N GLN D 193 28.98 -27.44 9.64
CA GLN D 193 29.34 -27.28 11.04
C GLN D 193 29.68 -25.82 11.38
N SER D 194 30.29 -25.13 10.43
CA SER D 194 30.60 -23.71 10.59
C SER D 194 29.31 -22.88 10.54
N ASP D 195 28.33 -23.32 9.76
CA ASP D 195 27.01 -22.74 9.76
C ASP D 195 26.41 -22.88 11.15
N VAL D 196 26.78 -23.98 11.81
CA VAL D 196 26.16 -24.31 13.10
C VAL D 196 26.73 -23.41 14.19
N TYR D 197 28.03 -23.17 14.11
CA TYR D 197 28.68 -22.17 14.95
C TYR D 197 28.04 -20.78 14.82
N ALA D 198 27.74 -20.37 13.58
CA ALA D 198 27.20 -19.04 13.33
C ALA D 198 25.82 -18.91 13.94
N PHE D 199 25.04 -19.97 13.82
CA PHE D 199 23.75 -20.03 14.47
C PHE D 199 23.91 -19.89 15.98
N GLY D 200 25.00 -20.48 16.49
CA GLY D 200 25.30 -20.41 17.90
C GLY D 200 25.43 -18.98 18.34
N ILE D 201 26.16 -18.20 17.55
CA ILE D 201 26.32 -16.79 17.85
C ILE D 201 24.96 -16.08 17.83
N VAL D 202 24.15 -16.38 16.82
CA VAL D 202 22.81 -15.81 16.75
C VAL D 202 22.02 -16.19 17.99
N LEU D 203 22.15 -17.44 18.44
CA LEU D 203 21.54 -17.87 19.69
C LEU D 203 22.03 -16.98 20.85
N TYR D 204 23.34 -16.74 20.88
CA TYR D 204 23.92 -15.82 21.85
C TYR D 204 23.21 -14.45 21.79
N GLU D 205 23.19 -13.86 20.61
CA GLU D 205 22.50 -12.59 20.37
C GLU D 205 21.09 -12.58 20.94
N LEU D 206 20.30 -13.58 20.58
CA LEU D 206 18.92 -13.65 21.07
C LEU D 206 18.84 -13.76 22.59
N MET D 207 19.66 -14.63 23.16
CA MET D 207 19.56 -14.95 24.58
C MET D 207 20.24 -13.93 25.50
N THR D 208 21.16 -13.14 24.96
CA THR D 208 21.82 -12.09 25.74
C THR D 208 21.32 -10.69 25.38
N GLY D 209 21.20 -10.42 24.08
CA GLY D 209 20.79 -9.11 23.63
C GLY D 209 21.97 -8.31 23.10
N GLN D 210 23.16 -8.87 23.20
CA GLN D 210 24.33 -8.16 22.71
C GLN D 210 25.19 -8.99 21.77
N LEU D 211 26.09 -8.31 21.08
CA LEU D 211 27.08 -8.97 20.25
C LEU D 211 28.15 -9.59 21.15
N PRO D 212 28.72 -10.72 20.72
CA PRO D 212 29.80 -11.33 21.50
C PRO D 212 31.07 -10.48 21.50
N TYR D 213 31.81 -10.50 22.61
CA TYR D 213 33.09 -9.81 22.70
C TYR D 213 32.94 -8.28 22.66
N SER D 214 31.85 -7.76 23.20
CA SER D 214 31.63 -6.31 23.18
C SER D 214 32.68 -5.56 23.99
N ASN D 215 33.46 -6.30 24.77
CA ASN D 215 34.46 -5.72 25.66
C ASN D 215 35.91 -5.82 25.15
N ILE D 216 36.09 -6.40 23.97
CA ILE D 216 37.43 -6.56 23.40
C ILE D 216 37.62 -5.68 22.16
N ASP D 220 41.52 -6.92 16.02
CA ASP D 220 42.33 -8.07 15.59
C ASP D 220 42.57 -9.03 16.74
N GLN D 221 42.43 -8.51 17.96
CA GLN D 221 42.58 -9.34 19.15
C GLN D 221 41.58 -10.48 19.12
N ILE D 222 40.36 -10.16 18.69
CA ILE D 222 39.30 -11.15 18.61
C ILE D 222 39.64 -12.24 17.59
N ILE D 223 40.22 -11.85 16.47
CA ILE D 223 40.54 -12.82 15.41
C ILE D 223 41.57 -13.82 15.91
N GLU D 224 42.63 -13.32 16.53
CA GLU D 224 43.71 -14.17 17.02
C GLU D 224 43.27 -14.98 18.23
N MET D 225 42.60 -14.32 19.17
CA MET D 225 42.13 -15.00 20.37
C MET D 225 41.11 -16.07 20.03
N VAL D 226 40.13 -15.74 19.17
CA VAL D 226 39.18 -16.71 18.68
C VAL D 226 39.89 -17.73 17.78
N GLY D 227 40.93 -17.27 17.09
CA GLY D 227 41.66 -18.12 16.18
C GLY D 227 42.40 -19.24 16.88
N ARG D 228 43.20 -18.87 17.88
CA ARG D 228 43.95 -19.83 18.69
C ARG D 228 43.02 -20.73 19.48
N GLY D 229 41.95 -20.15 20.00
CA GLY D 229 40.95 -20.89 20.75
C GLY D 229 40.87 -20.44 22.19
N SER D 230 41.50 -19.29 22.47
CA SER D 230 41.58 -18.78 23.83
C SER D 230 40.45 -17.80 24.15
N LEU D 231 39.68 -17.43 23.13
CA LEU D 231 38.58 -16.50 23.31
C LEU D 231 37.25 -17.04 22.79
N SER D 232 36.23 -16.95 23.63
CA SER D 232 34.88 -17.38 23.26
C SER D 232 33.82 -16.51 23.97
N PRO D 233 32.56 -16.61 23.50
CA PRO D 233 31.43 -15.86 24.05
C PRO D 233 31.21 -16.13 25.56
N ASP D 234 31.01 -15.08 26.34
CA ASP D 234 30.71 -15.22 27.77
C ASP D 234 29.22 -15.52 28.02
N LEU D 235 28.91 -16.81 28.18
CA LEU D 235 27.54 -17.26 28.33
C LEU D 235 26.92 -16.92 29.68
N SER D 236 27.63 -16.18 30.52
CA SER D 236 27.04 -15.70 31.77
C SER D 236 26.10 -14.55 31.46
N LYS D 237 26.35 -13.88 30.33
CA LYS D 237 25.57 -12.70 29.93
C LYS D 237 24.20 -13.07 29.42
N VAL D 238 23.87 -14.35 29.44
CA VAL D 238 22.55 -14.79 29.04
C VAL D 238 21.46 -14.29 29.99
N ARG D 239 20.26 -14.08 29.47
CA ARG D 239 19.14 -13.61 30.28
C ARG D 239 18.74 -14.65 31.31
N SER D 240 18.17 -14.19 32.43
CA SER D 240 17.92 -15.07 33.57
C SER D 240 16.78 -16.04 33.28
N ASN D 241 15.79 -15.62 32.52
CA ASN D 241 14.74 -16.56 32.12
C ASN D 241 15.07 -17.31 30.83
N CYS D 242 16.33 -17.25 30.41
CA CYS D 242 16.80 -18.09 29.31
C CYS D 242 16.88 -19.54 29.77
N PRO D 243 16.04 -20.41 29.17
CA PRO D 243 15.97 -21.83 29.51
C PRO D 243 17.35 -22.51 29.58
N LYS D 244 17.52 -23.49 30.48
CA LYS D 244 18.80 -24.17 30.65
C LYS D 244 19.17 -24.97 29.40
N ARG D 245 18.18 -25.64 28.80
CA ARG D 245 18.38 -26.43 27.59
C ARG D 245 18.88 -25.58 26.43
N MET D 246 18.41 -24.33 26.38
CA MET D 246 18.83 -23.38 25.36
C MET D 246 20.26 -22.94 25.62
N LYS D 247 20.57 -22.70 26.87
CA LYS D 247 21.92 -22.32 27.25
C LYS D 247 22.90 -23.46 26.89
N ARG D 248 22.51 -24.69 27.22
CA ARG D 248 23.33 -25.87 26.90
C ARG D 248 23.51 -26.00 25.38
N LEU D 249 22.38 -25.96 24.66
CA LEU D 249 22.35 -26.05 23.21
C LEU D 249 23.25 -25.01 22.52
N MET D 250 23.25 -23.80 23.04
CA MET D 250 24.12 -22.75 22.54
C MET D 250 25.59 -23.14 22.68
N ALA D 251 25.94 -23.69 23.84
CA ALA D 251 27.30 -24.09 24.15
C ALA D 251 27.77 -25.18 23.19
N GLU D 252 26.89 -26.14 22.92
CA GLU D 252 27.12 -27.17 21.93
C GLU D 252 27.46 -26.54 20.59
N CYS D 253 26.54 -25.71 20.09
CA CYS D 253 26.71 -25.11 18.76
C CYS D 253 28.03 -24.38 18.64
N LEU D 254 28.52 -23.87 19.77
CA LEU D 254 29.76 -23.07 19.80
C LEU D 254 31.05 -23.87 20.08
N LYS D 255 30.96 -25.20 20.11
CA LYS D 255 32.14 -26.07 20.29
C LYS D 255 33.28 -25.71 19.35
N LYS D 256 34.50 -25.61 19.86
CA LYS D 256 35.67 -25.35 19.03
C LYS D 256 35.96 -26.50 18.05
N LYS D 257 35.70 -27.73 18.49
CA LYS D 257 35.92 -28.89 17.66
C LYS D 257 34.64 -29.14 16.87
N ARG D 258 34.71 -28.81 15.57
CA ARG D 258 33.50 -28.68 14.75
C ARG D 258 32.72 -29.97 14.64
N ASP D 259 33.44 -31.09 14.68
CA ASP D 259 32.81 -32.39 14.60
C ASP D 259 32.04 -32.67 15.88
N GLU D 260 32.24 -31.82 16.88
CA GLU D 260 31.53 -31.94 18.15
C GLU D 260 30.25 -31.12 18.20
N ARG D 261 30.08 -30.21 17.23
CA ARG D 261 28.85 -29.43 17.16
C ARG D 261 27.72 -30.33 16.65
N PRO D 262 26.51 -30.08 17.13
CA PRO D 262 25.36 -30.88 16.67
C PRO D 262 24.93 -30.49 15.24
N SER D 263 24.06 -31.31 14.67
CA SER D 263 23.50 -31.03 13.36
C SER D 263 22.21 -30.25 13.56
N PHE D 264 21.61 -29.79 12.46
CA PHE D 264 20.42 -28.95 12.56
C PHE D 264 19.14 -29.73 12.83
N PRO D 265 19.03 -30.97 12.31
CA PRO D 265 17.87 -31.76 12.71
C PRO D 265 17.78 -31.85 14.24
N ARG D 266 18.93 -32.02 14.89
CA ARG D 266 19.02 -32.08 16.35
C ARG D 266 18.75 -30.71 16.96
N ILE D 267 19.53 -29.71 16.52
CA ILE D 267 19.32 -28.33 16.94
C ILE D 267 17.85 -27.91 16.85
N LEU D 268 17.20 -28.25 15.73
CA LEU D 268 15.79 -27.88 15.57
C LEU D 268 14.88 -28.64 16.53
N ALA D 269 15.09 -29.96 16.59
CA ALA D 269 14.31 -30.85 17.47
C ALA D 269 14.45 -30.44 18.93
N GLU D 270 15.67 -30.09 19.32
CA GLU D 270 15.93 -29.61 20.67
C GLU D 270 15.19 -28.32 20.97
N ILE D 271 15.05 -27.45 19.97
CA ILE D 271 14.38 -26.15 20.19
C ILE D 271 12.86 -26.26 20.11
N GLU D 272 12.36 -27.21 19.33
CA GLU D 272 10.93 -27.45 19.24
C GLU D 272 10.39 -27.92 20.58
N GLU D 273 11.13 -28.82 21.20
CA GLU D 273 10.75 -29.38 22.49
C GLU D 273 10.89 -28.34 23.60
N LEU D 274 12.06 -27.72 23.68
CA LEU D 274 12.34 -26.77 24.75
C LEU D 274 11.35 -25.60 24.70
N ALA D 275 10.92 -25.26 23.49
CA ALA D 275 9.92 -24.22 23.30
C ALA D 275 8.53 -24.71 23.70
N ARG D 276 8.30 -26.00 23.56
CA ARG D 276 7.03 -26.62 23.97
C ARG D 276 6.93 -26.64 25.49
N GLU D 277 8.04 -26.98 26.16
CA GLU D 277 8.09 -26.97 27.61
C GLU D 277 7.95 -25.56 28.18
N LEU D 278 7.10 -24.76 27.55
CA LEU D 278 6.88 -23.38 27.94
C LEU D 278 5.42 -23.00 27.78
#